data_1K1G
#
_entry.id   1K1G
#
_cell.length_a   ?
_cell.length_b   ?
_cell.length_c   ?
_cell.angle_alpha   ?
_cell.angle_beta   ?
_cell.angle_gamma   ?
#
loop_
_entity.id
_entity.type
_entity.pdbx_description
1 polymer "5'-R(*UP*AP*UP*AP*CP*UP*AP*AP*CP*AP*A)-3'"
2 polymer 'SF1-Bo isoform'
#
loop_
_entity_poly.entity_id
_entity_poly.type
_entity_poly.pdbx_seq_one_letter_code
_entity_poly.pdbx_strand_id
1 'polyribonucleotide' UAUACUAACAA B
2 'polypeptide(L)'
;GAMATRVSDKVMIPQDEYPEINFVGLLIGPRGNTLKNIEKECNAKIMIRGKGSVKEGKVGRKDGQMLPGEDEPLHALVTA
NTMENVKKAVEQIRNILKQGIETPEDQNDLRKMQLRELARLNGTLREDDNR
;
A
#
# COMPACT_ATOMS: atom_id res chain seq x y z
N THR B 5 2.79 13.24 20.63
CA THR B 5 1.81 12.16 20.77
C THR B 5 1.39 11.61 19.42
N ARG B 6 2.13 10.63 18.93
CA ARG B 6 1.84 10.02 17.64
C ARG B 6 1.97 8.50 17.71
N VAL B 7 1.04 7.81 17.06
CA VAL B 7 1.03 6.35 17.05
C VAL B 7 1.51 5.83 15.69
N SER B 8 2.20 4.69 15.70
CA SER B 8 2.72 4.11 14.47
C SER B 8 2.21 2.67 14.28
N ASP B 9 1.98 2.29 13.02
CA ASP B 9 1.50 0.96 12.70
C ASP B 9 1.64 0.68 11.20
N LYS B 10 2.58 -0.20 10.84
CA LYS B 10 2.81 -0.53 9.45
C LYS B 10 2.12 -1.85 9.07
N VAL B 11 1.96 -2.06 7.77
CA VAL B 11 1.34 -3.28 7.27
C VAL B 11 2.39 -4.18 6.64
N MET B 12 2.52 -5.39 7.18
CA MET B 12 3.50 -6.36 6.68
C MET B 12 3.04 -7.00 5.38
N ILE B 13 3.90 -6.95 4.37
CA ILE B 13 3.61 -7.54 3.07
C ILE B 13 4.24 -8.93 2.96
N PRO B 14 3.51 -9.90 2.37
CA PRO B 14 4.00 -11.28 2.23
C PRO B 14 5.18 -11.38 1.25
N GLN B 15 6.33 -10.86 1.66
CA GLN B 15 7.52 -10.90 0.82
C GLN B 15 8.09 -12.31 0.74
N ASP B 16 7.50 -13.23 1.50
CA ASP B 16 7.94 -14.62 1.49
C ASP B 16 7.51 -15.29 0.20
N GLU B 17 6.44 -14.79 -0.40
CA GLU B 17 5.92 -15.33 -1.64
C GLU B 17 5.86 -14.23 -2.70
N TYR B 18 5.14 -13.16 -2.39
CA TYR B 18 5.01 -12.03 -3.31
C TYR B 18 6.10 -11.00 -3.03
N PRO B 19 6.64 -10.33 -4.06
CA PRO B 19 7.68 -9.32 -3.89
C PRO B 19 7.16 -8.06 -3.22
N GLU B 20 6.34 -7.31 -3.95
CA GLU B 20 5.75 -6.08 -3.45
C GLU B 20 4.58 -5.66 -4.33
N ILE B 21 4.51 -6.31 -5.49
CA ILE B 21 3.47 -6.11 -6.51
C ILE B 21 2.65 -4.83 -6.30
N ASN B 22 1.34 -4.97 -6.44
CA ASN B 22 0.45 -3.85 -6.29
C ASN B 22 0.17 -3.61 -4.81
N PHE B 23 0.94 -4.24 -3.95
CA PHE B 23 0.76 -4.02 -2.52
C PHE B 23 1.11 -2.60 -2.20
N VAL B 24 2.21 -2.14 -2.78
CA VAL B 24 2.63 -0.77 -2.64
C VAL B 24 1.76 0.09 -3.57
N GLY B 25 1.48 -0.44 -4.76
CA GLY B 25 0.65 0.29 -5.71
C GLY B 25 -0.75 0.57 -5.18
N LEU B 26 -1.55 -0.49 -5.07
CA LEU B 26 -2.92 -0.38 -4.55
C LEU B 26 -2.97 0.43 -3.25
N LEU B 27 -2.05 0.16 -2.34
CA LEU B 27 -2.00 0.87 -1.07
C LEU B 27 -1.76 2.37 -1.29
N ILE B 28 -1.14 2.70 -2.42
CA ILE B 28 -0.87 4.08 -2.76
C ILE B 28 -1.97 4.72 -3.58
N GLY B 29 -2.13 4.25 -4.82
CA GLY B 29 -3.12 4.81 -5.72
C GLY B 29 -2.44 5.72 -6.73
N PRO B 30 -3.19 6.38 -7.65
CA PRO B 30 -2.55 7.28 -8.61
C PRO B 30 -1.95 8.46 -7.87
N ARG B 31 -0.63 8.47 -7.81
CA ARG B 31 0.13 9.47 -7.06
C ARG B 31 0.08 9.09 -5.60
N GLY B 32 -1.10 8.71 -5.15
CA GLY B 32 -1.28 8.32 -3.77
C GLY B 32 -2.71 8.52 -3.31
N ASN B 33 -3.67 8.07 -4.11
CA ASN B 33 -5.09 8.22 -3.76
C ASN B 33 -5.40 7.50 -2.46
N THR B 34 -5.02 6.23 -2.38
CA THR B 34 -5.27 5.43 -1.19
C THR B 34 -4.52 6.00 0.01
N LEU B 35 -3.33 6.54 -0.22
CA LEU B 35 -2.52 7.12 0.86
C LEU B 35 -3.21 8.34 1.46
N LYS B 36 -3.49 9.34 0.62
CA LYS B 36 -4.14 10.56 1.06
C LYS B 36 -5.56 10.31 1.54
N ASN B 37 -6.22 9.30 0.97
CA ASN B 37 -7.58 8.96 1.35
C ASN B 37 -7.64 8.58 2.83
N ILE B 38 -6.92 7.53 3.19
CA ILE B 38 -6.88 7.08 4.58
C ILE B 38 -6.28 8.16 5.48
N GLU B 39 -5.45 9.01 4.89
CA GLU B 39 -4.81 10.10 5.62
C GLU B 39 -5.85 11.15 6.01
N LYS B 40 -6.81 11.37 5.13
CA LYS B 40 -7.87 12.34 5.37
C LYS B 40 -8.99 11.73 6.20
N GLU B 41 -8.99 10.41 6.30
CA GLU B 41 -10.01 9.69 7.05
C GLU B 41 -9.72 9.72 8.55
N CYS B 42 -8.77 8.89 8.97
CA CYS B 42 -8.40 8.81 10.38
C CYS B 42 -7.18 9.67 10.70
N ASN B 43 -6.93 10.66 9.85
CA ASN B 43 -5.79 11.55 10.05
C ASN B 43 -4.50 10.77 10.21
N ALA B 44 -4.24 9.86 9.27
CA ALA B 44 -3.04 9.03 9.33
C ALA B 44 -2.01 9.48 8.31
N LYS B 45 -0.84 8.86 8.35
CA LYS B 45 0.24 9.19 7.43
C LYS B 45 0.79 7.92 6.80
N ILE B 46 0.49 7.70 5.52
CA ILE B 46 0.95 6.51 4.82
C ILE B 46 2.31 6.73 4.19
N MET B 47 3.23 5.82 4.49
CA MET B 47 4.58 5.89 3.95
C MET B 47 5.22 4.50 3.91
N ILE B 48 5.24 3.91 2.72
CA ILE B 48 5.81 2.57 2.55
C ILE B 48 7.33 2.61 2.58
N ARG B 49 7.91 1.76 3.43
CA ARG B 49 9.37 1.69 3.56
C ARG B 49 9.86 0.29 3.24
N GLY B 50 10.98 0.20 2.51
CA GLY B 50 11.53 -1.08 2.14
C GLY B 50 12.00 -1.13 0.70
N LYS B 51 12.04 -2.32 0.13
CA LYS B 51 12.46 -2.49 -1.26
C LYS B 51 11.53 -1.72 -2.21
N GLY B 52 10.48 -2.40 -2.65
CA GLY B 52 9.52 -1.77 -3.54
C GLY B 52 8.53 -0.92 -2.78
N SER B 53 8.91 0.32 -2.50
CA SER B 53 8.06 1.24 -1.76
C SER B 53 7.96 2.61 -2.44
N VAL B 54 9.10 3.17 -2.82
CA VAL B 54 9.11 4.48 -3.45
C VAL B 54 9.51 4.42 -4.92
N LYS B 55 9.02 3.39 -5.61
CA LYS B 55 9.29 3.21 -7.04
C LYS B 55 10.75 3.54 -7.38
N GLU B 56 11.67 3.04 -6.56
CA GLU B 56 13.10 3.29 -6.78
C GLU B 56 13.77 2.06 -7.39
N GLY B 57 13.03 0.96 -7.46
CA GLY B 57 13.56 -0.27 -8.02
C GLY B 57 12.58 -0.94 -8.96
N LYS B 58 11.48 -0.27 -9.25
CA LYS B 58 10.45 -0.81 -10.15
C LYS B 58 10.55 -0.18 -11.53
N VAL B 59 9.47 -0.28 -12.29
CA VAL B 59 9.45 0.28 -13.64
C VAL B 59 8.69 1.61 -13.67
N GLY B 60 8.56 2.18 -14.87
CA GLY B 60 7.87 3.44 -15.02
C GLY B 60 8.79 4.63 -14.85
N ARG B 61 9.37 4.77 -13.67
CA ARG B 61 10.26 5.87 -13.38
C ARG B 61 11.70 5.53 -13.78
N LYS B 62 12.64 6.38 -13.37
CA LYS B 62 14.05 6.17 -13.68
C LYS B 62 14.68 5.20 -12.70
N ASP B 63 15.74 4.52 -13.13
CA ASP B 63 16.44 3.57 -12.29
C ASP B 63 17.56 4.25 -11.50
N GLY B 64 18.05 3.56 -10.47
CA GLY B 64 19.13 4.11 -9.65
C GLY B 64 18.78 4.09 -8.18
N GLN B 65 19.24 3.05 -7.48
CA GLN B 65 18.99 2.92 -6.06
C GLN B 65 19.55 4.11 -5.28
N MET B 66 18.67 4.76 -4.52
CA MET B 66 19.07 5.91 -3.72
C MET B 66 18.95 5.63 -2.23
N LEU B 67 17.92 4.86 -1.87
CA LEU B 67 17.68 4.50 -0.48
C LEU B 67 18.04 3.04 -0.22
N PRO B 68 18.65 2.75 0.94
CA PRO B 68 19.05 1.39 1.30
C PRO B 68 17.90 0.39 1.17
N GLY B 69 18.18 -0.74 0.53
CA GLY B 69 17.17 -1.77 0.35
C GLY B 69 17.65 -3.14 0.79
N GLU B 70 18.21 -3.20 2.00
CA GLU B 70 18.71 -4.46 2.54
C GLU B 70 18.23 -4.65 3.99
N ASP B 71 17.57 -3.64 4.52
CA ASP B 71 17.06 -3.69 5.89
C ASP B 71 15.55 -3.88 5.91
N GLU B 72 14.82 -2.81 5.62
CA GLU B 72 13.35 -2.86 5.60
C GLU B 72 12.86 -3.86 4.56
N PRO B 73 12.07 -4.86 4.99
CA PRO B 73 11.53 -5.88 4.09
C PRO B 73 10.56 -5.32 3.05
N LEU B 74 9.36 -4.96 3.50
CA LEU B 74 8.33 -4.41 2.62
C LEU B 74 7.05 -4.16 3.42
N HIS B 75 6.97 -2.98 4.03
CA HIS B 75 5.82 -2.63 4.84
C HIS B 75 5.43 -1.17 4.63
N ALA B 76 4.16 -0.86 4.84
CA ALA B 76 3.67 0.50 4.69
C ALA B 76 3.43 1.12 6.06
N LEU B 77 4.40 1.91 6.51
CA LEU B 77 4.32 2.57 7.81
C LEU B 77 3.23 3.64 7.82
N VAL B 78 2.22 3.45 8.65
CA VAL B 78 1.12 4.39 8.77
C VAL B 78 1.09 4.99 10.17
N THR B 79 1.33 6.30 10.24
CA THR B 79 1.34 7.01 11.51
C THR B 79 0.00 7.69 11.80
N ALA B 80 -0.14 8.23 13.00
CA ALA B 80 -1.35 8.91 13.42
C ALA B 80 -1.19 9.53 14.80
N ASN B 81 -2.30 9.84 15.46
CA ASN B 81 -2.25 10.45 16.78
C ASN B 81 -2.65 9.44 17.86
N THR B 82 -3.68 8.65 17.57
CA THR B 82 -4.16 7.64 18.51
C THR B 82 -4.19 6.26 17.87
N MET B 83 -4.01 5.24 18.69
CA MET B 83 -4.02 3.86 18.22
C MET B 83 -5.35 3.49 17.58
N GLU B 84 -6.42 4.14 18.05
CA GLU B 84 -7.76 3.87 17.52
C GLU B 84 -7.87 4.30 16.06
N ASN B 85 -7.51 5.54 15.79
CA ASN B 85 -7.57 6.08 14.43
C ASN B 85 -6.70 5.25 13.47
N VAL B 86 -5.46 5.04 13.86
CA VAL B 86 -4.53 4.26 13.04
C VAL B 86 -5.01 2.82 12.88
N LYS B 87 -5.77 2.34 13.87
CA LYS B 87 -6.29 0.98 13.83
C LYS B 87 -7.22 0.78 12.63
N LYS B 88 -8.33 1.51 12.60
CA LYS B 88 -9.28 1.40 11.51
C LYS B 88 -8.61 1.70 10.17
N ALA B 89 -7.67 2.65 10.19
CA ALA B 89 -6.93 3.03 9.00
C ALA B 89 -6.16 1.84 8.46
N VAL B 90 -5.45 1.15 9.34
CA VAL B 90 -4.68 -0.02 8.97
C VAL B 90 -5.58 -1.14 8.50
N GLU B 91 -6.80 -1.18 9.05
CA GLU B 91 -7.77 -2.20 8.70
C GLU B 91 -8.02 -2.20 7.19
N GLN B 92 -8.41 -1.05 6.66
CA GLN B 92 -8.67 -0.93 5.23
C GLN B 92 -7.40 -1.26 4.44
N ILE B 93 -6.27 -0.74 4.90
CA ILE B 93 -5.00 -0.98 4.26
C ILE B 93 -4.76 -2.48 4.09
N ARG B 94 -5.20 -3.26 5.07
CA ARG B 94 -5.05 -4.70 5.02
C ARG B 94 -5.95 -5.27 3.93
N ASN B 95 -7.15 -4.72 3.80
CA ASN B 95 -8.08 -5.17 2.78
C ASN B 95 -7.45 -5.03 1.41
N ILE B 96 -6.44 -4.16 1.33
CA ILE B 96 -5.72 -3.91 0.09
C ILE B 96 -4.56 -4.88 -0.10
N LEU B 97 -3.76 -5.07 0.95
CA LEU B 97 -2.59 -5.96 0.89
C LEU B 97 -3.00 -7.43 1.08
N LYS B 98 -3.56 -7.74 2.25
CA LYS B 98 -3.98 -9.10 2.57
C LYS B 98 -4.58 -9.78 1.34
N GLN B 99 -5.41 -9.03 0.62
CA GLN B 99 -6.04 -9.55 -0.59
C GLN B 99 -5.15 -9.27 -1.80
N GLY B 100 -4.61 -8.05 -1.85
CA GLY B 100 -3.73 -7.67 -2.95
C GLY B 100 -4.30 -8.04 -4.30
N ILE B 101 -3.51 -8.77 -5.08
CA ILE B 101 -3.94 -9.19 -6.41
C ILE B 101 -4.40 -10.65 -6.39
N GLU B 102 -4.28 -11.27 -5.23
CA GLU B 102 -4.70 -12.65 -5.05
C GLU B 102 -5.68 -12.73 -3.89
N THR B 103 -6.64 -11.78 -3.91
CA THR B 103 -7.66 -11.67 -2.87
C THR B 103 -8.24 -13.04 -2.51
N PRO B 104 -8.69 -13.20 -1.25
CA PRO B 104 -9.26 -14.47 -0.76
C PRO B 104 -10.50 -14.91 -1.55
N GLU B 105 -11.11 -16.00 -1.11
CA GLU B 105 -12.30 -16.53 -1.75
C GLU B 105 -13.48 -15.58 -1.62
N ASP B 106 -13.43 -14.71 -0.62
CA ASP B 106 -14.49 -13.74 -0.37
C ASP B 106 -14.81 -12.97 -1.65
N GLN B 107 -13.79 -12.69 -2.43
CA GLN B 107 -13.94 -11.96 -3.69
C GLN B 107 -13.29 -12.73 -4.83
N ASN B 108 -11.98 -12.53 -5.00
CA ASN B 108 -11.20 -13.20 -6.03
C ASN B 108 -11.48 -12.60 -7.42
N ASP B 109 -12.75 -12.47 -7.77
CA ASP B 109 -13.13 -11.89 -9.05
C ASP B 109 -12.81 -10.41 -9.08
N LEU B 110 -12.93 -9.79 -7.90
CA LEU B 110 -12.65 -8.37 -7.76
C LEU B 110 -11.18 -8.16 -7.38
N ARG B 111 -10.34 -9.14 -7.70
CA ARG B 111 -8.93 -9.06 -7.39
C ARG B 111 -8.28 -7.92 -8.17
N LYS B 112 -8.84 -7.62 -9.33
CA LYS B 112 -8.34 -6.55 -10.17
C LYS B 112 -9.02 -5.24 -9.83
N MET B 113 -9.99 -5.29 -8.91
CA MET B 113 -10.71 -4.10 -8.49
C MET B 113 -9.77 -3.12 -7.81
N GLN B 114 -8.73 -3.64 -7.16
CA GLN B 114 -7.76 -2.79 -6.48
C GLN B 114 -7.08 -1.86 -7.48
N LEU B 115 -7.22 -2.19 -8.76
CA LEU B 115 -6.65 -1.39 -9.84
C LEU B 115 -7.74 -0.54 -10.48
N ARG B 116 -8.99 -0.81 -10.12
CA ARG B 116 -10.11 -0.05 -10.64
C ARG B 116 -10.29 1.25 -9.87
N GLU B 117 -9.90 1.23 -8.59
CA GLU B 117 -10.01 2.42 -7.76
C GLU B 117 -9.24 3.55 -8.43
N LEU B 118 -8.09 3.20 -8.99
CA LEU B 118 -7.25 4.16 -9.68
C LEU B 118 -7.70 4.33 -11.13
N ALA B 119 -8.04 3.22 -11.77
CA ALA B 119 -8.47 3.24 -13.17
C ALA B 119 -9.70 4.12 -13.36
N ARG B 120 -10.83 3.70 -12.79
CA ARG B 120 -12.08 4.45 -12.91
C ARG B 120 -11.90 5.91 -12.48
N LEU B 121 -10.83 6.16 -11.73
CA LEU B 121 -10.55 7.51 -11.23
C LEU B 121 -9.92 8.38 -12.33
N ASN B 122 -8.94 7.82 -13.03
CA ASN B 122 -8.26 8.55 -14.10
C ASN B 122 -8.70 8.07 -15.48
N GLY B 123 -9.89 7.48 -15.55
CA GLY B 123 -10.41 7.00 -16.80
C GLY B 123 -9.68 5.76 -17.30
N THR B 124 -8.77 5.24 -16.48
CA THR B 124 -8.01 4.05 -16.83
C THR B 124 -8.83 2.78 -16.67
N LEU B 125 -10.15 2.95 -16.52
CA LEU B 125 -11.04 1.80 -16.38
C LEU B 125 -11.36 1.22 -17.75
N ARG B 126 -11.21 -0.10 -17.86
CA ARG B 126 -11.47 -0.81 -19.11
C ARG B 126 -12.66 -0.21 -19.88
N THR B 5 3.09 13.28 20.68
CA THR B 5 2.04 12.28 20.62
C THR B 5 1.83 11.79 19.18
N ARG B 6 2.37 10.61 18.87
CA ARG B 6 2.24 10.04 17.54
C ARG B 6 2.24 8.52 17.59
N VAL B 7 1.18 7.91 17.07
CA VAL B 7 1.06 6.45 17.06
C VAL B 7 1.63 5.89 15.76
N SER B 8 2.22 4.69 15.83
CA SER B 8 2.81 4.06 14.66
C SER B 8 2.30 2.64 14.46
N ASP B 9 2.04 2.27 13.22
CA ASP B 9 1.55 0.93 12.89
C ASP B 9 1.80 0.61 11.42
N LYS B 10 2.68 -0.35 11.17
CA LYS B 10 3.01 -0.74 9.80
C LYS B 10 2.24 -2.00 9.38
N VAL B 11 2.04 -2.14 8.07
CA VAL B 11 1.35 -3.30 7.53
C VAL B 11 2.35 -4.26 6.91
N MET B 12 2.34 -5.51 7.36
CA MET B 12 3.26 -6.51 6.84
C MET B 12 2.78 -7.10 5.53
N ILE B 13 3.70 -7.32 4.61
CA ILE B 13 3.39 -7.89 3.30
C ILE B 13 4.08 -9.24 3.12
N PRO B 14 3.34 -10.26 2.63
CA PRO B 14 3.89 -11.60 2.43
C PRO B 14 4.86 -11.66 1.25
N GLN B 15 6.07 -11.13 1.46
CA GLN B 15 7.09 -11.11 0.43
C GLN B 15 7.52 -12.53 0.06
N ASP B 16 7.10 -13.50 0.87
CA ASP B 16 7.43 -14.90 0.62
C ASP B 16 6.81 -15.36 -0.70
N GLU B 17 5.48 -15.32 -0.77
CA GLU B 17 4.77 -15.72 -1.98
C GLU B 17 5.01 -14.71 -3.09
N TYR B 18 4.65 -13.46 -2.83
CA TYR B 18 4.84 -12.39 -3.79
C TYR B 18 5.58 -11.21 -3.15
N PRO B 19 6.52 -10.58 -3.89
CA PRO B 19 7.30 -9.44 -3.38
C PRO B 19 6.44 -8.34 -2.76
N GLU B 20 6.12 -7.32 -3.56
CA GLU B 20 5.31 -6.20 -3.07
C GLU B 20 4.24 -5.82 -4.10
N ILE B 21 4.35 -6.43 -5.27
CA ILE B 21 3.42 -6.19 -6.39
C ILE B 21 2.63 -4.87 -6.27
N ASN B 22 1.36 -4.96 -6.59
CA ASN B 22 0.52 -3.81 -6.52
C ASN B 22 0.20 -3.47 -5.07
N PHE B 23 0.50 -4.39 -4.16
CA PHE B 23 0.28 -4.14 -2.74
C PHE B 23 0.65 -2.71 -2.41
N VAL B 24 1.81 -2.30 -2.90
CA VAL B 24 2.25 -0.93 -2.71
C VAL B 24 1.44 -0.01 -3.61
N GLY B 25 1.31 -0.41 -4.89
CA GLY B 25 0.53 0.39 -5.83
C GLY B 25 -0.89 0.66 -5.33
N LEU B 26 -1.70 -0.38 -5.30
CA LEU B 26 -3.09 -0.33 -4.85
C LEU B 26 -3.25 0.46 -3.54
N LEU B 27 -2.38 0.19 -2.56
CA LEU B 27 -2.48 0.87 -1.28
C LEU B 27 -2.05 2.34 -1.40
N ILE B 28 -1.44 2.68 -2.53
CA ILE B 28 -1.04 4.06 -2.78
C ILE B 28 -2.08 4.79 -3.60
N GLY B 29 -2.26 4.36 -4.84
CA GLY B 29 -3.21 4.99 -5.74
C GLY B 29 -2.49 5.89 -6.73
N PRO B 30 -3.19 6.51 -7.69
CA PRO B 30 -2.52 7.41 -8.64
C PRO B 30 -1.93 8.58 -7.88
N ARG B 31 -0.60 8.58 -7.78
CA ARG B 31 0.14 9.57 -7.01
C ARG B 31 0.06 9.17 -5.56
N GLY B 32 -1.13 8.74 -5.14
CA GLY B 32 -1.33 8.32 -3.78
C GLY B 32 -2.77 8.55 -3.32
N ASN B 33 -3.72 8.03 -4.10
CA ASN B 33 -5.13 8.17 -3.77
C ASN B 33 -5.46 7.48 -2.46
N THR B 34 -5.12 6.20 -2.37
CA THR B 34 -5.37 5.42 -1.17
C THR B 34 -4.61 5.99 0.04
N LEU B 35 -3.41 6.50 -0.20
CA LEU B 35 -2.60 7.07 0.88
C LEU B 35 -3.27 8.32 1.45
N LYS B 36 -3.49 9.31 0.58
CA LYS B 36 -4.12 10.56 0.99
C LYS B 36 -5.51 10.33 1.55
N ASN B 37 -6.20 9.30 1.03
CA ASN B 37 -7.54 8.98 1.48
C ASN B 37 -7.54 8.65 2.97
N ILE B 38 -6.61 7.78 3.38
CA ILE B 38 -6.50 7.39 4.78
C ILE B 38 -6.11 8.61 5.64
N GLU B 39 -5.29 9.49 5.08
CA GLU B 39 -4.85 10.68 5.78
C GLU B 39 -6.04 11.56 6.11
N LYS B 40 -6.99 11.64 5.19
CA LYS B 40 -8.19 12.46 5.38
C LYS B 40 -9.24 11.69 6.17
N GLU B 41 -9.03 10.38 6.32
CA GLU B 41 -9.97 9.54 7.03
C GLU B 41 -9.76 9.61 8.54
N CYS B 42 -8.72 8.95 9.03
CA CYS B 42 -8.42 8.92 10.45
C CYS B 42 -7.25 9.85 10.79
N ASN B 43 -6.98 10.80 9.90
CA ASN B 43 -5.90 11.76 10.12
C ASN B 43 -4.58 11.04 10.38
N ALA B 44 -4.07 10.36 9.37
CA ALA B 44 -2.82 9.62 9.49
C ALA B 44 -1.85 9.96 8.35
N LYS B 45 -0.74 9.23 8.29
CA LYS B 45 0.26 9.44 7.26
C LYS B 45 0.78 8.12 6.73
N ILE B 46 0.51 7.84 5.46
CA ILE B 46 0.95 6.59 4.84
C ILE B 46 2.33 6.73 4.22
N MET B 47 3.24 5.84 4.58
CA MET B 47 4.59 5.86 4.05
C MET B 47 5.16 4.44 3.99
N ILE B 48 5.16 3.87 2.79
CA ILE B 48 5.67 2.51 2.58
C ILE B 48 7.19 2.48 2.52
N ARG B 49 7.79 1.61 3.34
CA ARG B 49 9.24 1.47 3.39
C ARG B 49 9.64 0.00 3.34
N GLY B 50 10.88 -0.26 2.91
CA GLY B 50 11.36 -1.63 2.84
C GLY B 50 12.34 -1.84 1.69
N LYS B 51 12.58 -3.10 1.34
CA LYS B 51 13.49 -3.43 0.26
C LYS B 51 12.88 -3.12 -1.10
N GLY B 52 11.56 -3.00 -1.13
CA GLY B 52 10.85 -2.71 -2.37
C GLY B 52 9.59 -1.91 -2.14
N SER B 53 9.76 -0.64 -1.80
CA SER B 53 8.61 0.23 -1.55
C SER B 53 8.60 1.43 -2.50
N VAL B 54 9.29 2.50 -2.12
CA VAL B 54 9.35 3.70 -2.94
C VAL B 54 9.79 3.39 -4.36
N LYS B 55 8.99 3.83 -5.32
CA LYS B 55 9.25 3.61 -6.74
C LYS B 55 10.61 4.19 -7.14
N GLU B 56 11.61 3.33 -7.25
CA GLU B 56 12.95 3.76 -7.64
C GLU B 56 13.81 2.56 -8.03
N GLY B 57 13.34 1.36 -7.70
CA GLY B 57 14.07 0.16 -8.03
C GLY B 57 13.26 -0.81 -8.85
N LYS B 58 12.03 -0.42 -9.19
CA LYS B 58 11.15 -1.26 -9.99
C LYS B 58 11.56 -1.23 -11.46
N VAL B 59 11.47 -2.39 -12.11
CA VAL B 59 11.83 -2.50 -13.52
C VAL B 59 10.81 -1.79 -14.42
N GLY B 60 11.29 -1.22 -15.51
CA GLY B 60 10.41 -0.51 -16.44
C GLY B 60 10.31 0.96 -16.12
N ARG B 61 10.46 1.30 -14.85
CA ARG B 61 10.37 2.69 -14.41
C ARG B 61 11.77 3.30 -14.25
N LYS B 62 12.52 2.79 -13.28
CA LYS B 62 13.87 3.27 -13.03
C LYS B 62 14.69 2.24 -12.28
N ASP B 63 16.01 2.29 -12.46
CA ASP B 63 16.91 1.35 -11.80
C ASP B 63 17.95 2.09 -10.96
N GLY B 64 18.15 1.62 -9.72
CA GLY B 64 19.12 2.24 -8.84
C GLY B 64 18.48 2.84 -7.60
N GLN B 65 18.30 2.03 -6.57
CA GLN B 65 17.70 2.48 -5.33
C GLN B 65 18.69 3.31 -4.52
N MET B 66 18.42 4.60 -4.42
CA MET B 66 19.28 5.52 -3.68
C MET B 66 19.05 5.39 -2.17
N LEU B 67 17.86 4.96 -1.80
CA LEU B 67 17.51 4.80 -0.38
C LEU B 67 17.81 3.38 0.11
N PRO B 68 17.89 3.20 1.44
CA PRO B 68 18.16 1.90 2.06
C PRO B 68 17.00 0.94 1.88
N GLY B 69 17.26 -0.35 2.09
CA GLY B 69 16.22 -1.35 1.96
C GLY B 69 16.78 -2.76 1.82
N GLU B 70 16.84 -3.47 2.94
CA GLU B 70 17.35 -4.83 2.95
C GLU B 70 16.89 -5.59 4.19
N ASP B 71 16.87 -4.88 5.33
CA ASP B 71 16.46 -5.48 6.59
C ASP B 71 14.97 -5.83 6.56
N GLU B 72 14.13 -4.80 6.55
CA GLU B 72 12.68 -4.99 6.53
C GLU B 72 12.24 -5.66 5.23
N PRO B 73 11.21 -6.53 5.29
CA PRO B 73 10.70 -7.24 4.11
C PRO B 73 9.85 -6.35 3.21
N LEU B 74 8.79 -5.76 3.77
CA LEU B 74 7.90 -4.88 3.04
C LEU B 74 6.75 -4.45 3.94
N HIS B 75 6.84 -3.23 4.44
CA HIS B 75 5.82 -2.72 5.35
C HIS B 75 5.50 -1.26 5.07
N ALA B 76 4.25 -0.88 5.37
CA ALA B 76 3.83 0.50 5.18
C ALA B 76 3.54 1.15 6.53
N LEU B 77 4.46 2.01 6.97
CA LEU B 77 4.32 2.68 8.26
C LEU B 77 3.28 3.78 8.19
N VAL B 78 2.31 3.71 9.10
CA VAL B 78 1.24 4.71 9.17
C VAL B 78 1.25 5.40 10.52
N THR B 79 1.45 6.72 10.51
CA THR B 79 1.50 7.51 11.73
C THR B 79 0.24 8.34 11.93
N ALA B 80 -0.36 8.22 13.10
CA ALA B 80 -1.56 8.97 13.43
C ALA B 80 -1.44 9.61 14.80
N ASN B 81 -2.59 10.00 15.37
CA ASN B 81 -2.60 10.64 16.68
C ASN B 81 -3.01 9.63 17.76
N THR B 82 -3.95 8.76 17.43
CA THR B 82 -4.43 7.75 18.37
C THR B 82 -4.38 6.36 17.75
N MET B 83 -4.04 5.37 18.56
CA MET B 83 -3.95 3.98 18.10
C MET B 83 -5.27 3.52 17.50
N GLU B 84 -6.37 4.13 17.96
CA GLU B 84 -7.69 3.77 17.48
C GLU B 84 -7.87 4.16 16.02
N ASN B 85 -7.63 5.44 15.72
CA ASN B 85 -7.75 5.96 14.36
C ASN B 85 -6.84 5.19 13.40
N VAL B 86 -5.57 5.05 13.78
CA VAL B 86 -4.60 4.36 12.96
C VAL B 86 -4.97 2.89 12.80
N LYS B 87 -5.67 2.34 13.80
CA LYS B 87 -6.08 0.94 13.76
C LYS B 87 -7.00 0.67 12.57
N LYS B 88 -8.12 1.40 12.51
CA LYS B 88 -9.07 1.23 11.41
C LYS B 88 -8.39 1.55 10.08
N ALA B 89 -7.48 2.52 10.11
CA ALA B 89 -6.75 2.92 8.92
C ALA B 89 -5.95 1.76 8.36
N VAL B 90 -5.22 1.09 9.25
CA VAL B 90 -4.41 -0.06 8.86
C VAL B 90 -5.31 -1.19 8.37
N GLU B 91 -6.51 -1.26 8.93
CA GLU B 91 -7.47 -2.30 8.55
C GLU B 91 -7.70 -2.28 7.05
N GLN B 92 -8.09 -1.12 6.53
CA GLN B 92 -8.34 -0.98 5.09
C GLN B 92 -7.06 -1.32 4.31
N ILE B 93 -5.93 -0.84 4.82
CA ILE B 93 -4.65 -1.10 4.18
C ILE B 93 -4.43 -2.60 4.05
N ARG B 94 -4.94 -3.36 5.00
CA ARG B 94 -4.82 -4.81 4.97
C ARG B 94 -5.65 -5.36 3.83
N ASN B 95 -6.84 -4.81 3.64
CA ASN B 95 -7.72 -5.25 2.57
C ASN B 95 -7.01 -5.09 1.22
N ILE B 96 -6.06 -4.16 1.19
CA ILE B 96 -5.30 -3.90 -0.03
C ILE B 96 -4.20 -4.95 -0.25
N LEU B 97 -3.50 -5.31 0.82
CA LEU B 97 -2.42 -6.29 0.74
C LEU B 97 -2.97 -7.72 0.79
N LYS B 98 -3.59 -8.06 1.91
CA LYS B 98 -4.16 -9.40 2.13
C LYS B 98 -4.71 -9.98 0.84
N GLN B 99 -5.61 -9.24 0.20
CA GLN B 99 -6.20 -9.68 -1.05
C GLN B 99 -5.29 -9.32 -2.22
N GLY B 100 -4.85 -8.06 -2.26
CA GLY B 100 -3.97 -7.61 -3.31
C GLY B 100 -4.44 -8.03 -4.68
N ILE B 101 -3.58 -8.73 -5.39
CA ILE B 101 -3.92 -9.21 -6.72
C ILE B 101 -4.27 -10.68 -6.71
N GLU B 102 -3.84 -11.37 -5.65
CA GLU B 102 -4.14 -12.78 -5.48
C GLU B 102 -5.24 -12.94 -4.44
N THR B 103 -6.20 -12.03 -4.49
CA THR B 103 -7.32 -12.03 -3.55
C THR B 103 -7.97 -13.41 -3.46
N PRO B 104 -8.80 -13.65 -2.42
CA PRO B 104 -9.46 -14.94 -2.22
C PRO B 104 -9.90 -15.59 -3.53
N GLU B 105 -9.80 -16.92 -3.58
CA GLU B 105 -10.17 -17.68 -4.77
C GLU B 105 -11.63 -17.45 -5.15
N ASP B 106 -12.42 -16.94 -4.20
CA ASP B 106 -13.82 -16.66 -4.46
C ASP B 106 -14.00 -15.36 -5.23
N GLN B 107 -12.89 -14.79 -5.67
CA GLN B 107 -12.91 -13.55 -6.42
C GLN B 107 -11.66 -13.43 -7.31
N ASN B 108 -10.58 -12.92 -6.75
CA ASN B 108 -9.33 -12.75 -7.48
C ASN B 108 -9.50 -11.85 -8.71
N ASP B 109 -9.92 -12.46 -9.82
CA ASP B 109 -10.13 -11.72 -11.07
C ASP B 109 -11.05 -10.52 -10.86
N LEU B 110 -12.28 -10.80 -10.45
CA LEU B 110 -13.26 -9.74 -10.21
C LEU B 110 -12.84 -8.85 -9.06
N ARG B 111 -11.98 -9.37 -8.18
CA ARG B 111 -11.50 -8.63 -7.02
C ARG B 111 -10.37 -7.69 -7.41
N LYS B 112 -10.06 -7.61 -8.70
CA LYS B 112 -9.00 -6.74 -9.18
C LYS B 112 -9.37 -5.27 -8.94
N MET B 113 -10.44 -5.06 -8.18
CA MET B 113 -10.91 -3.72 -7.85
C MET B 113 -9.78 -2.87 -7.27
N GLN B 114 -8.75 -3.53 -6.76
CA GLN B 114 -7.61 -2.81 -6.19
C GLN B 114 -7.05 -1.83 -7.21
N LEU B 115 -7.01 -2.26 -8.46
CA LEU B 115 -6.53 -1.43 -9.56
C LEU B 115 -7.67 -0.60 -10.13
N ARG B 116 -8.87 -0.86 -9.65
CA ARG B 116 -10.05 -0.15 -10.11
C ARG B 116 -10.18 1.20 -9.38
N GLU B 117 -9.80 1.22 -8.10
CA GLU B 117 -9.85 2.44 -7.32
C GLU B 117 -9.19 3.56 -8.11
N LEU B 118 -8.08 3.22 -8.71
CA LEU B 118 -7.30 4.14 -9.52
C LEU B 118 -7.85 4.22 -10.95
N ALA B 119 -8.22 3.07 -11.51
CA ALA B 119 -8.74 3.00 -12.86
C ALA B 119 -9.99 3.86 -13.03
N ARG B 120 -11.10 3.44 -12.40
CA ARG B 120 -12.36 4.18 -12.50
C ARG B 120 -12.17 5.65 -12.11
N LEU B 121 -11.08 5.94 -11.41
CA LEU B 121 -10.79 7.30 -10.98
C LEU B 121 -10.29 8.15 -12.14
N ASN B 122 -9.36 7.60 -12.92
CA ASN B 122 -8.79 8.31 -14.06
C ASN B 122 -9.27 7.72 -15.37
N GLY B 123 -10.47 7.13 -15.35
CA GLY B 123 -11.03 6.53 -16.55
C GLY B 123 -10.25 5.31 -17.01
N THR B 124 -9.27 4.90 -16.21
CA THR B 124 -8.44 3.75 -16.54
C THR B 124 -9.18 2.44 -16.31
N LEU B 125 -10.50 2.52 -16.10
CA LEU B 125 -11.31 1.33 -15.89
C LEU B 125 -11.61 0.65 -17.21
N ARG B 126 -11.71 -0.67 -17.19
CA ARG B 126 -12.00 -1.44 -18.40
C ARG B 126 -13.48 -1.32 -18.77
N THR B 5 3.07 13.04 20.73
CA THR B 5 1.99 12.07 20.57
C THR B 5 1.86 11.61 19.12
N ARG B 6 2.53 10.51 18.80
CA ARG B 6 2.49 9.96 17.45
C ARG B 6 2.48 8.44 17.47
N VAL B 7 1.38 7.85 17.02
CA VAL B 7 1.24 6.40 17.00
C VAL B 7 1.75 5.83 15.69
N SER B 8 2.26 4.59 15.74
CA SER B 8 2.79 3.94 14.54
C SER B 8 2.15 2.57 14.34
N ASP B 9 1.91 2.23 13.09
CA ASP B 9 1.30 0.95 12.74
C ASP B 9 1.60 0.58 11.28
N LYS B 10 2.51 -0.38 11.10
CA LYS B 10 2.89 -0.81 9.76
C LYS B 10 2.15 -2.07 9.35
N VAL B 11 1.97 -2.24 8.05
CA VAL B 11 1.31 -3.43 7.52
C VAL B 11 2.34 -4.36 6.91
N MET B 12 2.33 -5.61 7.37
CA MET B 12 3.29 -6.60 6.88
C MET B 12 2.83 -7.21 5.56
N ILE B 13 3.75 -7.26 4.60
CA ILE B 13 3.46 -7.82 3.29
C ILE B 13 4.12 -9.20 3.15
N PRO B 14 3.39 -10.18 2.59
CA PRO B 14 3.91 -11.55 2.41
C PRO B 14 5.02 -11.60 1.37
N GLN B 15 6.22 -11.14 1.75
CA GLN B 15 7.36 -11.14 0.85
C GLN B 15 7.89 -12.55 0.64
N ASP B 16 7.50 -13.47 1.52
CA ASP B 16 7.94 -14.85 1.41
C ASP B 16 7.40 -15.49 0.14
N GLU B 17 6.40 -14.84 -0.45
CA GLU B 17 5.78 -15.32 -1.68
C GLU B 17 5.72 -14.21 -2.72
N TYR B 18 5.07 -13.09 -2.35
CA TYR B 18 4.95 -11.95 -3.23
C TYR B 18 5.94 -10.86 -2.86
N PRO B 19 6.76 -10.38 -3.81
CA PRO B 19 7.75 -9.33 -3.56
C PRO B 19 7.14 -8.09 -2.91
N GLU B 20 6.30 -7.39 -3.65
CA GLU B 20 5.64 -6.18 -3.15
C GLU B 20 4.54 -5.74 -4.10
N ILE B 21 4.52 -6.39 -5.27
CA ILE B 21 3.54 -6.15 -6.33
C ILE B 21 2.81 -4.82 -6.19
N ASN B 22 1.53 -4.82 -6.50
CA ASN B 22 0.76 -3.63 -6.40
C ASN B 22 0.43 -3.35 -4.94
N PHE B 23 0.90 -4.21 -4.05
CA PHE B 23 0.66 -3.98 -2.63
C PHE B 23 1.01 -2.55 -2.32
N VAL B 24 2.15 -2.11 -2.82
CA VAL B 24 2.55 -0.73 -2.67
C VAL B 24 1.72 0.12 -3.62
N GLY B 25 1.50 -0.40 -4.84
CA GLY B 25 0.71 0.34 -5.81
C GLY B 25 -0.70 0.64 -5.30
N LEU B 26 -1.55 -0.39 -5.26
CA LEU B 26 -2.93 -0.29 -4.78
C LEU B 26 -3.01 0.53 -3.49
N LEU B 27 -2.12 0.25 -2.55
CA LEU B 27 -2.12 0.97 -1.27
C LEU B 27 -1.84 2.45 -1.49
N ILE B 28 -1.21 2.77 -2.61
CA ILE B 28 -0.89 4.14 -2.96
C ILE B 28 -1.99 4.78 -3.80
N GLY B 29 -2.12 4.32 -5.04
CA GLY B 29 -3.10 4.88 -5.95
C GLY B 29 -2.42 5.83 -6.92
N PRO B 30 -3.16 6.49 -7.84
CA PRO B 30 -2.53 7.42 -8.77
C PRO B 30 -1.95 8.59 -7.97
N ARG B 31 -0.64 8.64 -7.90
CA ARG B 31 0.09 9.62 -7.09
C ARG B 31 0.06 9.15 -5.65
N GLY B 32 -1.13 8.78 -5.22
CA GLY B 32 -1.32 8.30 -3.88
C GLY B 32 -2.73 8.52 -3.38
N ASN B 33 -3.70 8.24 -4.24
CA ASN B 33 -5.11 8.40 -3.88
C ASN B 33 -5.44 7.63 -2.62
N THR B 34 -5.05 6.37 -2.60
CA THR B 34 -5.29 5.51 -1.45
C THR B 34 -4.56 6.04 -0.22
N LEU B 35 -3.40 6.65 -0.44
CA LEU B 35 -2.60 7.19 0.65
C LEU B 35 -3.31 8.39 1.29
N LYS B 36 -3.60 9.40 0.49
CA LYS B 36 -4.27 10.61 0.98
C LYS B 36 -5.69 10.28 1.48
N ASN B 37 -6.29 9.25 0.90
CA ASN B 37 -7.64 8.85 1.29
C ASN B 37 -7.67 8.45 2.76
N ILE B 38 -6.85 7.47 3.12
CA ILE B 38 -6.78 7.00 4.50
C ILE B 38 -6.30 8.13 5.41
N GLU B 39 -5.51 9.04 4.85
CA GLU B 39 -4.99 10.18 5.59
C GLU B 39 -6.13 11.13 5.97
N LYS B 40 -7.10 11.27 5.07
CA LYS B 40 -8.24 12.14 5.31
C LYS B 40 -9.30 11.40 6.11
N GLU B 41 -9.13 10.09 6.23
CA GLU B 41 -10.08 9.25 6.98
C GLU B 41 -9.90 9.42 8.48
N CYS B 42 -8.86 8.79 9.01
CA CYS B 42 -8.58 8.85 10.45
C CYS B 42 -7.35 9.72 10.74
N ASN B 43 -7.06 10.65 9.84
CA ASN B 43 -5.92 11.54 10.00
C ASN B 43 -4.63 10.76 10.22
N ALA B 44 -4.22 10.01 9.19
CA ALA B 44 -3.01 9.20 9.27
C ALA B 44 -2.00 9.60 8.20
N LYS B 45 -0.87 8.90 8.16
CA LYS B 45 0.17 9.17 7.18
C LYS B 45 0.72 7.88 6.59
N ILE B 46 0.44 7.65 5.31
CA ILE B 46 0.90 6.44 4.64
C ILE B 46 2.29 6.63 4.03
N MET B 47 3.21 5.73 4.38
CA MET B 47 4.57 5.79 3.87
C MET B 47 5.16 4.39 3.81
N ILE B 48 5.07 3.77 2.63
CA ILE B 48 5.59 2.43 2.43
C ILE B 48 7.12 2.41 2.44
N ARG B 49 7.68 1.61 3.35
CA ARG B 49 9.13 1.50 3.48
C ARG B 49 9.55 0.03 3.51
N GLY B 50 10.79 -0.24 3.11
CA GLY B 50 11.28 -1.60 3.10
C GLY B 50 11.94 -1.99 1.79
N LYS B 51 12.40 -3.23 1.70
CA LYS B 51 13.04 -3.72 0.48
C LYS B 51 12.03 -3.85 -0.66
N GLY B 52 11.87 -2.78 -1.43
CA GLY B 52 10.93 -2.80 -2.53
C GLY B 52 9.69 -1.98 -2.24
N SER B 53 9.89 -0.73 -1.82
CA SER B 53 8.78 0.15 -1.50
C SER B 53 8.80 1.42 -2.35
N VAL B 54 9.54 2.42 -1.89
CA VAL B 54 9.63 3.68 -2.61
C VAL B 54 9.98 3.49 -4.07
N LYS B 55 9.30 4.25 -4.92
CA LYS B 55 9.48 4.19 -6.37
C LYS B 55 10.84 4.77 -6.79
N GLU B 56 11.22 4.49 -8.04
CA GLU B 56 12.48 4.96 -8.58
C GLU B 56 12.58 4.61 -10.06
N GLY B 57 11.44 4.26 -10.65
CA GLY B 57 11.40 3.89 -12.05
C GLY B 57 10.81 2.51 -12.26
N LYS B 58 9.51 2.37 -12.02
CA LYS B 58 8.82 1.10 -12.16
C LYS B 58 9.23 0.38 -13.44
N VAL B 59 9.48 1.16 -14.49
CA VAL B 59 9.89 0.61 -15.77
C VAL B 59 11.38 0.30 -15.77
N GLY B 60 11.77 -0.70 -14.98
CA GLY B 60 13.17 -1.07 -14.90
C GLY B 60 13.83 -0.58 -13.62
N ARG B 61 13.14 -0.74 -12.49
CA ARG B 61 13.68 -0.30 -11.21
C ARG B 61 14.56 -1.40 -10.61
N LYS B 62 13.97 -2.54 -10.30
CA LYS B 62 14.70 -3.66 -9.72
C LYS B 62 15.46 -3.24 -8.48
N ASP B 63 16.41 -4.07 -8.06
CA ASP B 63 17.22 -3.78 -6.88
C ASP B 63 18.28 -2.73 -7.19
N GLY B 64 19.00 -2.31 -6.15
CA GLY B 64 20.04 -1.31 -6.35
C GLY B 64 19.54 0.10 -6.13
N GLN B 65 18.50 0.23 -5.31
CA GLN B 65 17.92 1.54 -5.02
C GLN B 65 18.89 2.43 -4.27
N MET B 66 18.53 3.69 -4.09
CA MET B 66 19.37 4.65 -3.38
C MET B 66 19.19 4.49 -1.88
N LEU B 67 17.94 4.55 -1.43
CA LEU B 67 17.63 4.43 -0.01
C LEU B 67 17.85 2.99 0.47
N PRO B 68 18.34 2.83 1.71
CA PRO B 68 18.60 1.50 2.29
C PRO B 68 17.36 0.61 2.29
N GLY B 69 17.55 -0.66 2.64
CA GLY B 69 16.45 -1.60 2.67
C GLY B 69 16.90 -3.03 2.83
N GLU B 70 17.98 -3.22 3.58
CA GLU B 70 18.54 -4.56 3.82
C GLU B 70 18.18 -5.05 5.22
N ASP B 71 17.23 -4.38 5.86
CA ASP B 71 16.80 -4.77 7.20
C ASP B 71 15.28 -4.81 7.30
N GLU B 72 14.61 -4.29 6.29
CA GLU B 72 13.15 -4.27 6.26
C GLU B 72 12.60 -5.10 5.10
N PRO B 73 11.62 -5.98 5.37
CA PRO B 73 11.01 -6.83 4.34
C PRO B 73 10.12 -6.05 3.40
N LEU B 74 8.98 -5.60 3.90
CA LEU B 74 8.01 -4.84 3.11
C LEU B 74 6.83 -4.46 3.99
N HIS B 75 6.87 -3.26 4.53
CA HIS B 75 5.82 -2.78 5.40
C HIS B 75 5.48 -1.33 5.15
N ALA B 76 4.19 -1.00 5.25
CA ALA B 76 3.75 0.38 5.06
C ALA B 76 3.51 1.05 6.41
N LEU B 77 4.43 1.93 6.79
CA LEU B 77 4.33 2.63 8.06
C LEU B 77 3.28 3.73 8.02
N VAL B 78 2.31 3.63 8.93
CA VAL B 78 1.24 4.62 9.01
C VAL B 78 1.22 5.28 10.39
N THR B 79 1.48 6.58 10.42
CA THR B 79 1.49 7.34 11.67
C THR B 79 0.18 8.09 11.88
N ALA B 80 -0.18 8.30 13.15
CA ALA B 80 -1.40 9.00 13.49
C ALA B 80 -1.30 9.61 14.89
N ASN B 81 -2.46 9.96 15.46
CA ASN B 81 -2.48 10.56 16.80
C ASN B 81 -2.78 9.52 17.86
N THR B 82 -3.79 8.68 17.60
CA THR B 82 -4.19 7.64 18.54
C THR B 82 -4.12 6.26 17.88
N MET B 83 -4.00 5.23 18.72
CA MET B 83 -3.92 3.86 18.22
C MET B 83 -5.24 3.44 17.58
N GLU B 84 -6.34 3.98 18.08
CA GLU B 84 -7.66 3.66 17.56
C GLU B 84 -7.81 4.15 16.11
N ASN B 85 -7.46 5.41 15.89
CA ASN B 85 -7.56 6.00 14.55
C ASN B 85 -6.70 5.23 13.55
N VAL B 86 -5.42 5.06 13.90
CA VAL B 86 -4.50 4.34 13.04
C VAL B 86 -4.93 2.89 12.85
N LYS B 87 -5.65 2.36 13.84
CA LYS B 87 -6.12 0.98 13.79
C LYS B 87 -7.06 0.77 12.60
N LYS B 88 -8.20 1.46 12.61
CA LYS B 88 -9.17 1.34 11.53
C LYS B 88 -8.51 1.69 10.19
N ALA B 89 -7.61 2.66 10.23
CA ALA B 89 -6.89 3.08 9.02
C ALA B 89 -6.11 1.91 8.44
N VAL B 90 -5.40 1.18 9.31
CA VAL B 90 -4.62 0.04 8.88
C VAL B 90 -5.54 -1.09 8.42
N GLU B 91 -6.73 -1.15 9.02
CA GLU B 91 -7.71 -2.17 8.65
C GLU B 91 -7.97 -2.16 7.16
N GLN B 92 -8.28 -0.97 6.63
CA GLN B 92 -8.51 -0.81 5.20
C GLN B 92 -7.24 -1.18 4.43
N ILE B 93 -6.12 -0.68 4.92
CA ILE B 93 -4.82 -0.96 4.30
C ILE B 93 -4.63 -2.47 4.15
N ARG B 94 -5.16 -3.23 5.11
CA ARG B 94 -5.05 -4.68 5.06
C ARG B 94 -5.90 -5.21 3.92
N ASN B 95 -7.09 -4.63 3.75
CA ASN B 95 -7.98 -5.04 2.68
C ASN B 95 -7.27 -4.89 1.33
N ILE B 96 -6.25 -4.05 1.32
CA ILE B 96 -5.47 -3.80 0.11
C ILE B 96 -4.36 -4.85 -0.06
N LEU B 97 -3.61 -5.11 1.01
CA LEU B 97 -2.50 -6.08 0.97
C LEU B 97 -3.00 -7.51 1.11
N LYS B 98 -3.60 -7.80 2.27
CA LYS B 98 -4.13 -9.13 2.57
C LYS B 98 -4.74 -9.77 1.34
N GLN B 99 -5.49 -8.98 0.59
CA GLN B 99 -6.14 -9.47 -0.63
C GLN B 99 -5.24 -9.20 -1.84
N GLY B 100 -4.76 -7.98 -1.97
CA GLY B 100 -3.90 -7.62 -3.08
C GLY B 100 -4.42 -8.12 -4.40
N ILE B 101 -3.62 -8.93 -5.09
CA ILE B 101 -4.03 -9.47 -6.37
C ILE B 101 -4.49 -10.91 -6.23
N GLU B 102 -4.39 -11.43 -5.01
CA GLU B 102 -4.81 -12.79 -4.71
C GLU B 102 -5.86 -12.77 -3.60
N THR B 103 -6.80 -11.82 -3.74
CA THR B 103 -7.87 -11.64 -2.77
C THR B 103 -8.55 -12.97 -2.44
N PRO B 104 -9.13 -13.09 -1.22
CA PRO B 104 -9.80 -14.32 -0.79
C PRO B 104 -10.93 -14.73 -1.74
N GLU B 105 -11.51 -15.89 -1.49
CA GLU B 105 -12.59 -16.42 -2.32
C GLU B 105 -13.82 -15.51 -2.25
N ASP B 106 -13.86 -14.64 -1.25
CA ASP B 106 -14.98 -13.71 -1.09
C ASP B 106 -15.11 -12.80 -2.29
N GLN B 107 -13.98 -12.43 -2.88
CA GLN B 107 -13.97 -11.55 -4.04
C GLN B 107 -12.72 -11.79 -4.90
N ASN B 108 -12.40 -13.06 -5.13
CA ASN B 108 -11.23 -13.42 -5.92
C ASN B 108 -11.28 -12.77 -7.30
N ASP B 109 -12.47 -12.69 -7.88
CA ASP B 109 -12.64 -12.06 -9.19
C ASP B 109 -12.29 -10.59 -9.13
N LEU B 110 -12.40 -10.02 -7.94
CA LEU B 110 -12.08 -8.61 -7.73
C LEU B 110 -10.59 -8.46 -7.42
N ARG B 111 -9.80 -9.43 -7.85
CA ARG B 111 -8.36 -9.39 -7.63
C ARG B 111 -7.74 -8.20 -8.33
N LYS B 112 -8.28 -7.87 -9.50
CA LYS B 112 -7.80 -6.75 -10.29
C LYS B 112 -8.54 -5.47 -9.91
N MET B 113 -9.50 -5.58 -8.98
CA MET B 113 -10.28 -4.43 -8.54
C MET B 113 -9.40 -3.41 -7.84
N GLN B 114 -8.34 -3.86 -7.19
CA GLN B 114 -7.44 -2.96 -6.49
C GLN B 114 -6.76 -2.01 -7.48
N LEU B 115 -6.80 -2.38 -8.76
CA LEU B 115 -6.24 -1.57 -9.83
C LEU B 115 -7.34 -0.73 -10.44
N ARG B 116 -8.56 -1.00 -10.01
CA ARG B 116 -9.74 -0.28 -10.48
C ARG B 116 -9.89 1.05 -9.75
N GLU B 117 -9.57 1.06 -8.47
CA GLU B 117 -9.66 2.28 -7.67
C GLU B 117 -8.90 3.39 -8.37
N LEU B 118 -7.76 3.03 -8.93
CA LEU B 118 -6.92 3.96 -9.66
C LEU B 118 -7.38 4.10 -11.11
N ALA B 119 -7.72 2.96 -11.72
CA ALA B 119 -8.16 2.93 -13.10
C ALA B 119 -9.41 3.79 -13.31
N ARG B 120 -10.52 3.36 -12.72
CA ARG B 120 -11.78 4.10 -12.83
C ARG B 120 -11.58 5.57 -12.48
N LEU B 121 -10.63 5.84 -11.58
CA LEU B 121 -10.33 7.20 -11.15
C LEU B 121 -9.79 8.03 -12.31
N ASN B 122 -8.96 7.41 -13.14
CA ASN B 122 -8.37 8.09 -14.30
C ASN B 122 -9.03 7.62 -15.59
N GLY B 123 -10.18 6.97 -15.47
CA GLY B 123 -10.89 6.48 -16.64
C GLY B 123 -10.20 5.28 -17.27
N THR B 124 -9.14 4.81 -16.63
CA THR B 124 -8.38 3.67 -17.11
C THR B 124 -8.97 2.35 -16.63
N LEU B 125 -10.28 2.34 -16.38
CA LEU B 125 -10.94 1.14 -15.90
C LEU B 125 -10.89 0.02 -16.95
N ARG B 126 -12.02 -0.26 -17.58
CA ARG B 126 -12.10 -1.32 -18.56
C ARG B 126 -13.14 -0.99 -19.62
N THR B 5 2.12 13.69 20.63
CA THR B 5 1.57 12.35 20.54
C THR B 5 1.44 11.89 19.10
N ARG B 6 2.10 10.78 18.78
CA ARG B 6 2.07 10.23 17.43
C ARG B 6 2.15 8.71 17.48
N VAL B 7 1.09 8.05 17.01
CA VAL B 7 1.04 6.59 17.00
C VAL B 7 1.59 6.03 15.69
N SER B 8 2.22 4.87 15.77
CA SER B 8 2.81 4.24 14.59
C SER B 8 2.33 2.80 14.44
N ASP B 9 2.16 2.37 13.20
CA ASP B 9 1.70 1.01 12.90
C ASP B 9 1.97 0.67 11.44
N LYS B 10 2.85 -0.29 11.20
CA LYS B 10 3.19 -0.72 9.84
C LYS B 10 2.48 -2.01 9.46
N VAL B 11 2.27 -2.19 8.16
CA VAL B 11 1.63 -3.39 7.65
C VAL B 11 2.65 -4.24 6.91
N MET B 12 2.83 -5.48 7.37
CA MET B 12 3.79 -6.39 6.76
C MET B 12 3.32 -6.87 5.40
N ILE B 13 4.27 -7.07 4.49
CA ILE B 13 3.98 -7.55 3.15
C ILE B 13 4.50 -8.98 2.97
N PRO B 14 3.69 -9.86 2.35
CA PRO B 14 4.08 -11.25 2.13
C PRO B 14 4.97 -11.44 0.90
N GLN B 15 6.14 -10.79 0.93
CA GLN B 15 7.09 -10.87 -0.17
C GLN B 15 7.44 -12.33 -0.49
N ASP B 16 7.19 -13.22 0.46
CA ASP B 16 7.47 -14.64 0.27
C ASP B 16 6.75 -15.17 -0.97
N GLU B 17 5.43 -15.29 -0.87
CA GLU B 17 4.62 -15.76 -1.99
C GLU B 17 4.80 -14.83 -3.19
N TYR B 18 4.49 -13.56 -2.97
CA TYR B 18 4.63 -12.54 -3.99
C TYR B 18 5.35 -11.32 -3.41
N PRO B 19 6.34 -10.77 -4.12
CA PRO B 19 7.11 -9.61 -3.65
C PRO B 19 6.24 -8.52 -3.01
N GLU B 20 6.00 -7.44 -3.74
CA GLU B 20 5.19 -6.35 -3.22
C GLU B 20 4.11 -5.95 -4.22
N ILE B 21 4.20 -6.52 -5.43
CA ILE B 21 3.26 -6.27 -6.51
C ILE B 21 2.57 -4.92 -6.36
N ASN B 22 1.29 -4.88 -6.71
CA ASN B 22 0.56 -3.66 -6.59
C ASN B 22 0.16 -3.45 -5.13
N PHE B 23 0.51 -4.39 -4.26
CA PHE B 23 0.20 -4.23 -2.84
C PHE B 23 0.57 -2.82 -2.44
N VAL B 24 1.74 -2.40 -2.87
CA VAL B 24 2.19 -1.05 -2.64
C VAL B 24 1.40 -0.13 -3.56
N GLY B 25 1.29 -0.54 -4.82
CA GLY B 25 0.52 0.26 -5.78
C GLY B 25 -0.90 0.59 -5.30
N LEU B 26 -1.76 -0.43 -5.32
CA LEU B 26 -3.15 -0.31 -4.88
C LEU B 26 -3.30 0.47 -3.57
N LEU B 27 -2.46 0.16 -2.57
CA LEU B 27 -2.56 0.84 -1.28
C LEU B 27 -2.10 2.29 -1.40
N ILE B 28 -1.45 2.60 -2.52
CA ILE B 28 -0.99 3.96 -2.78
C ILE B 28 -2.03 4.72 -3.59
N GLY B 29 -2.25 4.24 -4.81
CA GLY B 29 -3.18 4.89 -5.71
C GLY B 29 -2.44 5.77 -6.70
N PRO B 30 -3.12 6.38 -7.69
CA PRO B 30 -2.44 7.25 -8.62
C PRO B 30 -1.77 8.39 -7.86
N ARG B 31 -0.45 8.33 -7.79
CA ARG B 31 0.35 9.29 -7.03
C ARG B 31 0.26 8.91 -5.56
N GLY B 32 -0.96 8.66 -5.11
CA GLY B 32 -1.18 8.28 -3.74
C GLY B 32 -2.60 8.58 -3.29
N ASN B 33 -3.58 8.08 -4.05
CA ASN B 33 -4.99 8.29 -3.73
C ASN B 33 -5.37 7.56 -2.45
N THR B 34 -5.03 6.29 -2.37
CA THR B 34 -5.33 5.48 -1.20
C THR B 34 -4.59 6.02 0.03
N LEU B 35 -3.36 6.48 -0.18
CA LEU B 35 -2.56 7.03 0.92
C LEU B 35 -3.23 8.28 1.49
N LYS B 36 -3.57 9.22 0.60
CA LYS B 36 -4.22 10.45 1.01
C LYS B 36 -5.62 10.17 1.56
N ASN B 37 -6.22 9.08 1.12
CA ASN B 37 -7.54 8.69 1.58
C ASN B 37 -7.52 8.36 3.06
N ILE B 38 -6.59 7.48 3.44
CA ILE B 38 -6.44 7.09 4.83
C ILE B 38 -6.01 8.29 5.67
N GLU B 39 -5.33 9.23 5.02
CA GLU B 39 -4.86 10.43 5.68
C GLU B 39 -6.02 11.36 6.01
N LYS B 40 -6.95 11.49 5.07
CA LYS B 40 -8.12 12.35 5.26
C LYS B 40 -9.23 11.59 5.99
N GLU B 41 -9.03 10.29 6.16
CA GLU B 41 -10.01 9.45 6.85
C GLU B 41 -9.80 9.44 8.35
N CYS B 42 -8.88 8.60 8.81
CA CYS B 42 -8.58 8.49 10.25
C CYS B 42 -7.49 9.47 10.66
N ASN B 43 -7.22 10.43 9.79
CA ASN B 43 -6.19 11.44 10.06
C ASN B 43 -4.86 10.79 10.41
N ALA B 44 -4.17 10.29 9.38
CA ALA B 44 -2.88 9.64 9.57
C ALA B 44 -1.94 9.94 8.41
N LYS B 45 -0.81 9.24 8.36
CA LYS B 45 0.18 9.44 7.31
C LYS B 45 0.71 8.10 6.81
N ILE B 46 0.41 7.79 5.56
CA ILE B 46 0.86 6.53 4.96
C ILE B 46 2.23 6.69 4.30
N MET B 47 3.18 5.87 4.75
CA MET B 47 4.53 5.91 4.20
C MET B 47 5.12 4.50 4.12
N ILE B 48 5.01 3.90 2.94
CA ILE B 48 5.51 2.56 2.72
C ILE B 48 7.03 2.52 2.69
N ARG B 49 7.63 2.09 3.79
CA ARG B 49 9.09 1.99 3.90
C ARG B 49 9.55 0.57 3.63
N GLY B 50 10.85 0.39 3.42
CA GLY B 50 11.39 -0.93 3.15
C GLY B 50 12.12 -1.01 1.83
N LYS B 51 12.59 -2.20 1.48
CA LYS B 51 13.31 -2.41 0.24
C LYS B 51 12.33 -2.69 -0.91
N GLY B 52 12.04 -1.64 -1.69
CA GLY B 52 11.11 -1.79 -2.80
C GLY B 52 9.73 -1.29 -2.45
N SER B 53 9.61 0.00 -2.15
CA SER B 53 8.33 0.58 -1.79
C SER B 53 8.15 1.98 -2.39
N VAL B 54 9.25 2.71 -2.57
CA VAL B 54 9.17 4.06 -3.12
C VAL B 54 9.57 4.07 -4.59
N LYS B 55 9.11 3.07 -5.33
CA LYS B 55 9.39 2.96 -6.76
C LYS B 55 10.81 3.36 -7.09
N GLU B 56 11.77 2.74 -6.41
CA GLU B 56 13.18 3.03 -6.63
C GLU B 56 13.80 2.02 -7.60
N GLY B 57 13.31 0.78 -7.57
CA GLY B 57 13.83 -0.24 -8.45
C GLY B 57 12.77 -1.25 -8.84
N LYS B 58 11.51 -0.86 -8.72
CA LYS B 58 10.40 -1.74 -9.07
C LYS B 58 10.29 -1.92 -10.58
N VAL B 59 10.31 -0.80 -11.30
CA VAL B 59 10.21 -0.84 -12.75
C VAL B 59 11.20 0.15 -13.39
N GLY B 60 11.26 0.14 -14.72
CA GLY B 60 12.17 1.02 -15.44
C GLY B 60 11.99 2.49 -15.11
N ARG B 61 10.87 2.83 -14.51
CA ARG B 61 10.58 4.22 -14.13
C ARG B 61 11.73 4.81 -13.32
N LYS B 62 12.28 4.02 -12.41
CA LYS B 62 13.38 4.47 -11.57
C LYS B 62 14.35 3.32 -11.29
N ASP B 63 15.63 3.67 -11.13
CA ASP B 63 16.66 2.68 -10.85
C ASP B 63 17.85 3.33 -10.16
N GLY B 64 18.45 2.61 -9.23
CA GLY B 64 19.59 3.13 -8.50
C GLY B 64 19.34 3.23 -7.01
N GLN B 65 19.90 2.29 -6.25
CA GLN B 65 19.73 2.27 -4.81
C GLN B 65 20.30 3.53 -4.17
N MET B 66 19.52 4.16 -3.29
CA MET B 66 19.95 5.37 -2.62
C MET B 66 19.62 5.31 -1.13
N LEU B 67 18.33 5.15 -0.83
CA LEU B 67 17.88 5.09 0.57
C LEU B 67 18.29 3.77 1.21
N PRO B 68 18.76 3.82 2.47
CA PRO B 68 19.19 2.63 3.22
C PRO B 68 18.08 1.58 3.34
N GLY B 69 18.48 0.34 3.58
CA GLY B 69 17.52 -0.73 3.72
C GLY B 69 18.19 -2.05 4.09
N GLU B 70 18.20 -2.99 3.14
CA GLU B 70 18.80 -4.29 3.36
C GLU B 70 18.39 -4.88 4.71
N ASP B 71 17.12 -4.70 5.07
CA ASP B 71 16.61 -5.22 6.33
C ASP B 71 15.09 -5.36 6.28
N GLU B 72 14.40 -4.22 6.22
CA GLU B 72 12.95 -4.21 6.16
C GLU B 72 12.45 -4.86 4.86
N PRO B 73 11.63 -5.91 4.97
CA PRO B 73 11.09 -6.61 3.80
C PRO B 73 10.20 -5.72 2.93
N LEU B 74 9.10 -5.25 3.52
CA LEU B 74 8.15 -4.38 2.82
C LEU B 74 6.99 -4.08 3.74
N HIS B 75 6.97 -2.88 4.29
CA HIS B 75 5.91 -2.49 5.21
C HIS B 75 5.48 -1.05 4.99
N ALA B 76 4.23 -0.77 5.34
CA ALA B 76 3.69 0.58 5.20
C ALA B 76 3.46 1.19 6.58
N LEU B 77 4.36 2.09 6.97
CA LEU B 77 4.28 2.75 8.28
C LEU B 77 3.25 3.87 8.25
N VAL B 78 2.24 3.75 9.10
CA VAL B 78 1.19 4.74 9.20
C VAL B 78 1.24 5.45 10.56
N THR B 79 1.35 6.77 10.53
CA THR B 79 1.43 7.57 11.74
C THR B 79 0.17 8.40 11.95
N ALA B 80 -0.48 8.22 13.09
CA ALA B 80 -1.68 8.96 13.42
C ALA B 80 -1.55 9.63 14.79
N ASN B 81 -2.67 10.01 15.37
CA ASN B 81 -2.66 10.67 16.69
C ASN B 81 -2.97 9.66 17.79
N THR B 82 -3.89 8.74 17.51
CA THR B 82 -4.28 7.73 18.48
C THR B 82 -4.21 6.33 17.88
N MET B 83 -3.99 5.33 18.72
CA MET B 83 -3.90 3.95 18.27
C MET B 83 -5.21 3.51 17.61
N GLU B 84 -6.31 4.09 18.05
CA GLU B 84 -7.62 3.75 17.50
C GLU B 84 -7.72 4.15 16.03
N ASN B 85 -7.35 5.39 15.74
CA ASN B 85 -7.40 5.90 14.37
C ASN B 85 -6.48 5.10 13.45
N VAL B 86 -5.23 4.95 13.86
CA VAL B 86 -4.26 4.20 13.07
C VAL B 86 -4.67 2.74 12.92
N LYS B 87 -5.42 2.24 13.90
CA LYS B 87 -5.88 0.85 13.87
C LYS B 87 -6.78 0.61 12.67
N LYS B 88 -7.90 1.32 12.62
CA LYS B 88 -8.84 1.18 11.50
C LYS B 88 -8.16 1.53 10.19
N ALA B 89 -7.21 2.46 10.27
CA ALA B 89 -6.46 2.89 9.09
C ALA B 89 -5.73 1.71 8.47
N VAL B 90 -5.05 0.94 9.32
CA VAL B 90 -4.32 -0.24 8.86
C VAL B 90 -5.28 -1.28 8.31
N GLU B 91 -6.50 -1.31 8.87
CA GLU B 91 -7.52 -2.25 8.44
C GLU B 91 -7.75 -2.10 6.93
N GLN B 92 -7.94 -0.86 6.49
CA GLN B 92 -8.15 -0.59 5.08
C GLN B 92 -6.95 -1.05 4.27
N ILE B 93 -5.76 -0.65 4.73
CA ILE B 93 -4.52 -1.03 4.06
C ILE B 93 -4.44 -2.53 3.90
N ARG B 94 -5.04 -3.25 4.85
CA ARG B 94 -5.06 -4.70 4.82
C ARG B 94 -5.94 -5.17 3.67
N ASN B 95 -7.11 -4.55 3.55
CA ASN B 95 -8.04 -4.90 2.48
C ASN B 95 -7.35 -4.76 1.13
N ILE B 96 -6.30 -3.96 1.11
CA ILE B 96 -5.53 -3.72 -0.11
C ILE B 96 -4.54 -4.85 -0.38
N LEU B 97 -3.74 -5.19 0.63
CA LEU B 97 -2.74 -6.26 0.49
C LEU B 97 -3.36 -7.64 0.65
N LYS B 98 -3.90 -7.91 1.85
CA LYS B 98 -4.51 -9.21 2.16
C LYS B 98 -5.14 -9.83 0.92
N GLN B 99 -5.89 -9.02 0.19
CA GLN B 99 -6.53 -9.48 -1.03
C GLN B 99 -5.61 -9.22 -2.23
N GLY B 100 -5.18 -7.96 -2.38
CA GLY B 100 -4.30 -7.60 -3.48
C GLY B 100 -4.77 -8.16 -4.80
N ILE B 101 -3.88 -8.90 -5.45
CA ILE B 101 -4.22 -9.51 -6.73
C ILE B 101 -4.56 -10.98 -6.59
N GLU B 102 -4.49 -11.46 -5.36
CA GLU B 102 -4.82 -12.84 -5.05
C GLU B 102 -5.90 -12.86 -3.98
N THR B 103 -6.84 -11.92 -4.11
CA THR B 103 -7.94 -11.77 -3.16
C THR B 103 -8.61 -13.11 -2.86
N PRO B 104 -9.22 -13.24 -1.68
CA PRO B 104 -9.90 -14.47 -1.26
C PRO B 104 -10.94 -14.94 -2.27
N GLU B 105 -11.39 -16.17 -2.11
CA GLU B 105 -12.39 -16.75 -3.02
C GLU B 105 -13.69 -15.96 -2.97
N ASP B 106 -13.87 -15.18 -1.91
CA ASP B 106 -15.08 -14.38 -1.75
C ASP B 106 -15.23 -13.40 -2.91
N GLN B 107 -14.12 -12.79 -3.31
CA GLN B 107 -14.12 -11.84 -4.41
C GLN B 107 -12.83 -11.97 -5.22
N ASN B 108 -12.46 -13.21 -5.55
CA ASN B 108 -11.25 -13.47 -6.31
C ASN B 108 -11.25 -12.72 -7.64
N ASP B 109 -12.44 -12.57 -8.23
CA ASP B 109 -12.58 -11.86 -9.50
C ASP B 109 -12.13 -10.42 -9.35
N LEU B 110 -12.11 -9.95 -8.10
CA LEU B 110 -11.70 -8.59 -7.80
C LEU B 110 -10.18 -8.50 -7.64
N ARG B 111 -9.49 -9.53 -8.14
CA ARG B 111 -8.03 -9.57 -8.06
C ARG B 111 -7.43 -8.36 -8.76
N LYS B 112 -7.91 -8.11 -9.97
CA LYS B 112 -7.43 -6.97 -10.76
C LYS B 112 -8.28 -5.74 -10.49
N MET B 113 -9.22 -5.88 -9.54
CA MET B 113 -10.10 -4.78 -9.18
C MET B 113 -9.36 -3.64 -8.52
N GLN B 114 -8.42 -3.96 -7.63
CA GLN B 114 -7.66 -2.95 -6.92
C GLN B 114 -6.96 -1.99 -7.88
N LEU B 115 -6.87 -2.38 -9.14
CA LEU B 115 -6.24 -1.55 -10.17
C LEU B 115 -7.28 -0.66 -10.83
N ARG B 116 -8.52 -0.78 -10.38
CA ARG B 116 -9.63 0.01 -10.90
C ARG B 116 -9.68 1.37 -10.19
N GLU B 117 -9.37 1.36 -8.90
CA GLU B 117 -9.36 2.59 -8.12
C GLU B 117 -8.55 3.65 -8.84
N LEU B 118 -7.43 3.22 -9.38
CA LEU B 118 -6.53 4.08 -10.12
C LEU B 118 -6.95 4.22 -11.58
N ALA B 119 -7.29 3.09 -12.20
CA ALA B 119 -7.69 3.05 -13.60
C ALA B 119 -8.90 3.97 -13.87
N ARG B 120 -10.06 3.56 -13.36
CA ARG B 120 -11.29 4.31 -13.56
C ARG B 120 -11.13 5.78 -13.18
N LEU B 121 -10.23 6.07 -12.25
CA LEU B 121 -9.99 7.43 -11.80
C LEU B 121 -9.40 8.29 -12.92
N ASN B 122 -8.21 7.89 -13.38
CA ASN B 122 -7.53 8.63 -14.45
C ASN B 122 -7.87 8.07 -15.83
N GLY B 123 -9.10 7.59 -15.97
CA GLY B 123 -9.53 7.03 -17.24
C GLY B 123 -8.63 5.92 -17.73
N THR B 124 -8.77 4.75 -17.12
CA THR B 124 -7.95 3.60 -17.49
C THR B 124 -8.61 2.30 -17.06
N LEU B 125 -9.93 2.33 -16.87
CA LEU B 125 -10.66 1.15 -16.45
C LEU B 125 -10.59 0.05 -17.52
N ARG B 126 -11.73 -0.30 -18.10
CA ARG B 126 -11.79 -1.34 -19.11
C ARG B 126 -12.93 -1.10 -20.09
N THR B 5 2.71 13.41 20.93
CA THR B 5 1.61 12.45 21.03
C THR B 5 1.24 11.89 19.66
N ARG B 6 1.81 10.75 19.31
CA ARG B 6 1.55 10.12 18.03
C ARG B 6 1.52 8.60 18.17
N VAL B 7 1.38 7.91 17.05
CA VAL B 7 1.33 6.45 17.03
C VAL B 7 1.88 5.91 15.72
N SER B 8 2.51 4.74 15.77
CA SER B 8 3.09 4.12 14.58
C SER B 8 2.65 2.66 14.45
N ASP B 9 2.32 2.26 13.23
CA ASP B 9 1.90 0.89 12.97
C ASP B 9 2.02 0.57 11.47
N LYS B 10 3.03 -0.23 11.12
CA LYS B 10 3.26 -0.59 9.74
C LYS B 10 2.56 -1.91 9.39
N VAL B 11 2.30 -2.11 8.11
CA VAL B 11 1.67 -3.33 7.63
C VAL B 11 2.69 -4.19 6.91
N MET B 12 2.96 -5.38 7.46
CA MET B 12 3.93 -6.29 6.88
C MET B 12 3.44 -6.84 5.55
N ILE B 13 4.32 -6.84 4.55
CA ILE B 13 3.99 -7.36 3.23
C ILE B 13 4.42 -8.82 3.12
N PRO B 14 3.57 -9.68 2.53
CA PRO B 14 3.87 -11.11 2.37
C PRO B 14 4.85 -11.38 1.23
N GLN B 15 6.02 -10.74 1.29
CA GLN B 15 7.05 -10.91 0.26
C GLN B 15 7.36 -12.39 0.03
N ASP B 16 7.01 -13.23 1.00
CA ASP B 16 7.25 -14.67 0.87
C ASP B 16 6.59 -15.21 -0.39
N GLU B 17 5.25 -15.21 -0.39
CA GLU B 17 4.50 -15.68 -1.55
C GLU B 17 4.73 -14.77 -2.75
N TYR B 18 4.38 -13.50 -2.57
CA TYR B 18 4.57 -12.49 -3.61
C TYR B 18 5.34 -11.31 -3.05
N PRO B 19 6.31 -10.78 -3.82
CA PRO B 19 7.14 -9.65 -3.39
C PRO B 19 6.33 -8.50 -2.77
N GLU B 20 6.11 -7.44 -3.54
CA GLU B 20 5.35 -6.29 -3.05
C GLU B 20 4.29 -5.87 -4.06
N ILE B 21 4.37 -6.50 -5.25
CA ILE B 21 3.44 -6.25 -6.35
C ILE B 21 2.72 -4.89 -6.23
N ASN B 22 1.45 -4.89 -6.59
CA ASN B 22 0.69 -3.68 -6.50
C ASN B 22 0.31 -3.43 -5.05
N PHE B 23 0.70 -4.35 -4.16
CA PHE B 23 0.40 -4.16 -2.75
C PHE B 23 0.75 -2.74 -2.38
N VAL B 24 1.90 -2.29 -2.88
CA VAL B 24 2.32 -0.92 -2.68
C VAL B 24 1.50 -0.04 -3.61
N GLY B 25 1.33 -0.50 -4.86
CA GLY B 25 0.55 0.25 -5.83
C GLY B 25 -0.87 0.56 -5.34
N LEU B 26 -1.71 -0.47 -5.30
CA LEU B 26 -3.10 -0.37 -4.84
C LEU B 26 -3.19 0.43 -3.54
N LEU B 27 -2.30 0.13 -2.59
CA LEU B 27 -2.30 0.82 -1.30
C LEU B 27 -1.96 2.29 -1.45
N ILE B 28 -1.36 2.65 -2.58
CA ILE B 28 -0.99 4.03 -2.85
C ILE B 28 -2.04 4.74 -3.70
N GLY B 29 -2.23 4.26 -4.92
CA GLY B 29 -3.17 4.88 -5.83
C GLY B 29 -2.44 5.80 -6.79
N PRO B 30 -3.10 6.40 -7.80
CA PRO B 30 -2.41 7.30 -8.72
C PRO B 30 -1.79 8.45 -7.95
N ARG B 31 -0.46 8.43 -7.84
CA ARG B 31 0.30 9.41 -7.08
C ARG B 31 0.21 9.04 -5.61
N GLY B 32 -1.00 8.73 -5.18
CA GLY B 32 -1.22 8.35 -3.80
C GLY B 32 -2.65 8.60 -3.38
N ASN B 33 -3.60 8.09 -4.15
CA ASN B 33 -5.02 8.25 -3.86
C ASN B 33 -5.39 7.55 -2.56
N THR B 34 -5.03 6.28 -2.47
CA THR B 34 -5.33 5.48 -1.29
C THR B 34 -4.61 6.06 -0.06
N LEU B 35 -3.39 6.54 -0.24
CA LEU B 35 -2.61 7.12 0.84
C LEU B 35 -3.29 8.37 1.39
N LYS B 36 -3.59 9.31 0.49
CA LYS B 36 -4.24 10.57 0.86
C LYS B 36 -5.65 10.33 1.38
N ASN B 37 -6.26 9.25 0.92
CA ASN B 37 -7.63 8.91 1.34
C ASN B 37 -7.65 8.56 2.83
N ILE B 38 -6.83 7.60 3.23
CA ILE B 38 -6.76 7.18 4.62
C ILE B 38 -6.27 8.32 5.51
N GLU B 39 -5.47 9.20 4.93
CA GLU B 39 -4.93 10.35 5.66
C GLU B 39 -6.04 11.35 5.96
N LYS B 40 -6.93 11.55 5.00
CA LYS B 40 -8.04 12.49 5.16
C LYS B 40 -9.22 11.80 5.86
N GLU B 41 -9.11 10.49 6.05
CA GLU B 41 -10.17 9.73 6.70
C GLU B 41 -9.97 9.66 8.21
N CYS B 42 -9.05 8.80 8.64
CA CYS B 42 -8.77 8.62 10.06
C CYS B 42 -7.61 9.50 10.52
N ASN B 43 -7.24 10.46 9.68
CA ASN B 43 -6.14 11.37 9.99
C ASN B 43 -4.87 10.61 10.33
N ALA B 44 -4.19 10.10 9.30
CA ALA B 44 -2.96 9.35 9.49
C ALA B 44 -1.92 9.70 8.43
N LYS B 45 -0.84 8.92 8.39
CA LYS B 45 0.23 9.15 7.43
C LYS B 45 0.70 7.83 6.81
N ILE B 46 0.36 7.62 5.55
CA ILE B 46 0.75 6.39 4.86
C ILE B 46 2.11 6.56 4.17
N MET B 47 3.12 5.85 4.68
CA MET B 47 4.45 5.91 4.10
C MET B 47 5.06 4.52 4.02
N ILE B 48 5.05 3.95 2.82
CA ILE B 48 5.60 2.61 2.61
C ILE B 48 7.13 2.62 2.55
N ARG B 49 7.76 2.04 3.56
CA ARG B 49 9.21 1.99 3.62
C ARG B 49 9.72 0.58 3.31
N GLY B 50 11.00 0.49 2.91
CA GLY B 50 11.57 -0.81 2.59
C GLY B 50 12.26 -0.82 1.23
N LYS B 51 12.54 -2.02 0.73
CA LYS B 51 13.19 -2.15 -0.57
C LYS B 51 12.34 -1.53 -1.66
N GLY B 52 11.43 -2.32 -2.22
CA GLY B 52 10.55 -1.83 -3.26
C GLY B 52 9.30 -1.20 -2.69
N SER B 53 9.40 0.07 -2.32
CA SER B 53 8.26 0.78 -1.73
C SER B 53 8.08 2.17 -2.34
N VAL B 54 9.18 2.89 -2.53
CA VAL B 54 9.11 4.24 -3.09
C VAL B 54 9.50 4.25 -4.57
N LYS B 55 9.06 3.22 -5.30
CA LYS B 55 9.34 3.13 -6.73
C LYS B 55 10.80 3.45 -7.04
N GLU B 56 11.69 2.58 -6.60
CA GLU B 56 13.12 2.76 -6.83
C GLU B 56 13.78 1.44 -7.19
N GLY B 57 13.04 0.35 -7.02
CA GLY B 57 13.56 -0.97 -7.33
C GLY B 57 12.72 -1.68 -8.37
N LYS B 58 11.92 -0.91 -9.11
CA LYS B 58 11.07 -1.47 -10.15
C LYS B 58 11.56 -1.08 -11.54
N VAL B 59 11.50 -2.02 -12.47
CA VAL B 59 11.94 -1.76 -13.85
C VAL B 59 10.88 -1.00 -14.64
N GLY B 60 11.33 -0.11 -15.51
CA GLY B 60 10.42 0.67 -16.32
C GLY B 60 10.20 2.07 -15.78
N ARG B 61 10.53 2.28 -14.51
CA ARG B 61 10.36 3.58 -13.88
C ARG B 61 11.72 4.20 -13.54
N LYS B 62 11.66 5.34 -12.84
CA LYS B 62 12.88 6.04 -12.44
C LYS B 62 13.69 5.22 -11.45
N ASP B 63 14.81 4.68 -11.90
CA ASP B 63 15.68 3.87 -11.06
C ASP B 63 16.62 4.76 -10.26
N GLY B 64 17.60 4.14 -9.60
CA GLY B 64 18.56 4.90 -8.81
C GLY B 64 18.43 4.62 -7.33
N GLN B 65 19.35 3.81 -6.81
CA GLN B 65 19.34 3.46 -5.40
C GLN B 65 19.68 4.66 -4.52
N MET B 66 18.66 5.45 -4.18
CA MET B 66 18.85 6.62 -3.35
C MET B 66 18.87 6.23 -1.87
N LEU B 67 17.92 5.38 -1.48
CA LEU B 67 17.81 4.92 -0.11
C LEU B 67 18.45 3.55 0.08
N PRO B 68 18.79 3.21 1.33
CA PRO B 68 19.39 1.92 1.66
C PRO B 68 18.41 0.75 1.49
N GLY B 69 18.71 -0.37 2.13
CA GLY B 69 17.85 -1.54 2.02
C GLY B 69 18.60 -2.84 2.23
N GLU B 70 18.84 -3.19 3.49
CA GLU B 70 19.56 -4.41 3.81
C GLU B 70 18.87 -5.16 4.95
N ASP B 71 17.66 -4.73 5.30
CA ASP B 71 16.92 -5.36 6.38
C ASP B 71 15.41 -5.23 6.15
N GLU B 72 14.93 -3.99 6.05
CA GLU B 72 13.50 -3.73 5.83
C GLU B 72 12.98 -4.51 4.62
N PRO B 73 12.04 -5.44 4.82
CA PRO B 73 11.48 -6.26 3.74
C PRO B 73 10.49 -5.48 2.85
N LEU B 74 9.38 -5.04 3.45
CA LEU B 74 8.35 -4.29 2.73
C LEU B 74 7.19 -4.02 3.66
N HIS B 75 7.13 -2.81 4.20
CA HIS B 75 6.08 -2.45 5.12
C HIS B 75 5.58 -1.03 4.89
N ALA B 76 4.31 -0.79 5.19
CA ALA B 76 3.74 0.53 5.02
C ALA B 76 3.54 1.19 6.39
N LEU B 77 4.48 2.04 6.76
CA LEU B 77 4.44 2.74 8.04
C LEU B 77 3.31 3.76 8.10
N VAL B 78 2.28 3.45 8.87
CA VAL B 78 1.13 4.33 9.04
C VAL B 78 1.20 5.03 10.39
N THR B 79 1.47 6.33 10.38
CA THR B 79 1.59 7.10 11.61
C THR B 79 0.38 8.01 11.84
N ALA B 80 -0.27 7.85 12.98
CA ALA B 80 -1.43 8.65 13.33
C ALA B 80 -1.25 9.32 14.69
N ASN B 81 -2.34 9.77 15.28
CA ASN B 81 -2.30 10.43 16.58
C ASN B 81 -2.62 9.45 17.70
N THR B 82 -3.59 8.57 17.45
CA THR B 82 -3.99 7.57 18.43
C THR B 82 -3.99 6.17 17.82
N MET B 83 -3.82 5.16 18.67
CA MET B 83 -3.80 3.78 18.22
C MET B 83 -5.15 3.37 17.62
N GLU B 84 -6.20 4.10 17.99
CA GLU B 84 -7.54 3.82 17.50
C GLU B 84 -7.70 4.27 16.05
N ASN B 85 -7.36 5.53 15.79
CA ASN B 85 -7.45 6.08 14.44
C ASN B 85 -6.57 5.30 13.47
N VAL B 86 -5.34 5.00 13.91
CA VAL B 86 -4.41 4.25 13.08
C VAL B 86 -4.88 2.81 12.91
N LYS B 87 -5.62 2.32 13.90
CA LYS B 87 -6.14 0.95 13.85
C LYS B 87 -7.06 0.76 12.66
N LYS B 88 -8.16 1.52 12.63
CA LYS B 88 -9.11 1.43 11.53
C LYS B 88 -8.42 1.73 10.20
N ALA B 89 -7.45 2.63 10.25
CA ALA B 89 -6.69 3.00 9.06
C ALA B 89 -5.97 1.78 8.50
N VAL B 90 -5.26 1.07 9.38
CA VAL B 90 -4.53 -0.13 8.97
C VAL B 90 -5.50 -1.19 8.48
N GLU B 91 -6.70 -1.20 9.04
CA GLU B 91 -7.72 -2.16 8.65
C GLU B 91 -7.95 -2.13 7.14
N GLN B 92 -8.29 -0.94 6.64
CA GLN B 92 -8.52 -0.77 5.21
C GLN B 92 -7.29 -1.17 4.42
N ILE B 93 -6.13 -0.78 4.93
CA ILE B 93 -4.86 -1.10 4.28
C ILE B 93 -4.76 -2.60 4.04
N ARG B 94 -5.26 -3.38 4.99
CA ARG B 94 -5.25 -4.83 4.84
C ARG B 94 -6.16 -5.25 3.71
N ASN B 95 -7.34 -4.64 3.64
CA ASN B 95 -8.30 -4.94 2.60
C ASN B 95 -7.64 -4.77 1.22
N ILE B 96 -6.57 -3.98 1.19
CA ILE B 96 -5.85 -3.73 -0.04
C ILE B 96 -4.75 -4.78 -0.29
N LEU B 97 -3.89 -5.00 0.70
CA LEU B 97 -2.79 -5.96 0.58
C LEU B 97 -3.26 -7.39 0.80
N LYS B 98 -3.75 -7.67 2.01
CA LYS B 98 -4.23 -9.01 2.38
C LYS B 98 -4.86 -9.70 1.19
N GLN B 99 -5.67 -8.96 0.44
CA GLN B 99 -6.32 -9.51 -0.73
C GLN B 99 -5.46 -9.30 -1.97
N GLY B 100 -4.94 -8.08 -2.13
CA GLY B 100 -4.09 -7.78 -3.26
C GLY B 100 -4.64 -8.30 -4.56
N ILE B 101 -3.85 -9.08 -5.28
CA ILE B 101 -4.29 -9.65 -6.54
C ILE B 101 -4.70 -11.11 -6.38
N GLU B 102 -4.59 -11.59 -5.14
CA GLU B 102 -4.97 -12.96 -4.82
C GLU B 102 -6.03 -12.94 -3.73
N THR B 103 -6.94 -11.97 -3.84
CA THR B 103 -8.03 -11.80 -2.88
C THR B 103 -8.77 -13.11 -2.63
N PRO B 104 -9.35 -13.28 -1.43
CA PRO B 104 -10.08 -14.49 -1.06
C PRO B 104 -11.17 -14.86 -2.06
N GLU B 105 -11.80 -16.02 -1.86
CA GLU B 105 -12.87 -16.48 -2.75
C GLU B 105 -14.08 -15.56 -2.67
N ASP B 106 -14.15 -14.76 -1.61
CA ASP B 106 -15.26 -13.84 -1.42
C ASP B 106 -15.30 -12.78 -2.51
N GLN B 107 -14.17 -12.61 -3.20
CA GLN B 107 -14.06 -11.63 -4.27
C GLN B 107 -12.80 -11.87 -5.10
N ASN B 108 -12.46 -13.14 -5.29
CA ASN B 108 -11.28 -13.50 -6.06
C ASN B 108 -11.31 -12.88 -7.45
N ASP B 109 -12.49 -12.83 -8.05
CA ASP B 109 -12.64 -12.24 -9.38
C ASP B 109 -12.32 -10.76 -9.32
N LEU B 110 -12.52 -10.17 -8.15
CA LEU B 110 -12.25 -8.75 -7.94
C LEU B 110 -10.79 -8.55 -7.54
N ARG B 111 -9.95 -9.50 -7.92
CA ARG B 111 -8.53 -9.43 -7.59
C ARG B 111 -7.88 -8.25 -8.31
N LYS B 112 -8.36 -7.98 -9.51
CA LYS B 112 -7.85 -6.88 -10.31
C LYS B 112 -8.62 -5.61 -10.04
N MET B 113 -9.47 -5.65 -9.01
CA MET B 113 -10.27 -4.48 -8.64
C MET B 113 -9.40 -3.42 -7.97
N GLN B 114 -8.36 -3.85 -7.27
CA GLN B 114 -7.47 -2.91 -6.60
C GLN B 114 -6.77 -2.02 -7.62
N LEU B 115 -6.89 -2.38 -8.90
CA LEU B 115 -6.30 -1.61 -9.98
C LEU B 115 -7.35 -0.74 -10.65
N ARG B 116 -8.61 -0.96 -10.29
CA ARG B 116 -9.71 -0.18 -10.84
C ARG B 116 -9.86 1.12 -10.08
N GLU B 117 -9.52 1.11 -8.80
CA GLU B 117 -9.59 2.31 -7.98
C GLU B 117 -8.77 3.41 -8.63
N LEU B 118 -7.61 3.02 -9.15
CA LEU B 118 -6.71 3.92 -9.83
C LEU B 118 -7.10 4.09 -11.30
N ALA B 119 -7.47 2.97 -11.92
CA ALA B 119 -7.86 2.97 -13.33
C ALA B 119 -9.01 3.92 -13.61
N ARG B 120 -10.17 3.64 -13.02
CA ARG B 120 -11.35 4.47 -13.23
C ARG B 120 -11.13 5.89 -12.67
N LEU B 121 -10.00 6.09 -12.02
CA LEU B 121 -9.69 7.40 -11.44
C LEU B 121 -8.89 8.25 -12.42
N ASN B 122 -7.97 7.63 -13.14
CA ASN B 122 -7.14 8.33 -14.11
C ASN B 122 -7.54 7.97 -15.54
N GLY B 123 -8.58 7.16 -15.67
CA GLY B 123 -9.05 6.74 -16.98
C GLY B 123 -8.46 5.42 -17.41
N THR B 124 -7.59 4.86 -16.58
CA THR B 124 -6.95 3.58 -16.88
C THR B 124 -7.95 2.43 -16.80
N LEU B 125 -9.20 2.75 -16.50
CA LEU B 125 -10.23 1.72 -16.41
C LEU B 125 -10.61 1.25 -17.81
N ARG B 126 -10.88 -0.03 -17.94
CA ARG B 126 -11.25 -0.61 -19.22
C ARG B 126 -12.57 -0.01 -19.70
N THR B 5 2.95 13.39 20.85
CA THR B 5 2.03 12.25 20.82
C THR B 5 1.83 11.76 19.39
N ARG B 6 2.39 10.60 19.08
CA ARG B 6 2.28 10.01 17.74
C ARG B 6 2.25 8.48 17.81
N VAL B 7 1.26 7.88 17.18
CA VAL B 7 1.13 6.43 17.15
C VAL B 7 1.68 5.85 15.86
N SER B 8 2.20 4.64 15.91
CA SER B 8 2.77 3.98 14.74
C SER B 8 2.09 2.64 14.48
N ASP B 9 1.91 2.32 13.19
CA ASP B 9 1.28 1.07 12.79
C ASP B 9 1.50 0.80 11.31
N LYS B 10 2.35 -0.17 10.99
CA LYS B 10 2.65 -0.52 9.61
C LYS B 10 1.98 -1.82 9.20
N VAL B 11 1.78 -1.99 7.89
CA VAL B 11 1.16 -3.20 7.38
C VAL B 11 2.22 -4.14 6.82
N MET B 12 2.18 -5.40 7.24
CA MET B 12 3.15 -6.40 6.79
C MET B 12 2.74 -7.03 5.47
N ILE B 13 3.70 -7.12 4.55
CA ILE B 13 3.44 -7.70 3.24
C ILE B 13 4.07 -9.09 3.16
N PRO B 14 3.35 -10.08 2.59
CA PRO B 14 3.85 -11.46 2.46
C PRO B 14 4.93 -11.58 1.39
N GLN B 15 6.15 -11.25 1.76
CA GLN B 15 7.28 -11.33 0.83
C GLN B 15 7.78 -12.76 0.70
N ASP B 16 7.09 -13.68 1.36
CA ASP B 16 7.46 -15.10 1.31
C ASP B 16 6.80 -15.77 0.10
N GLU B 17 5.97 -15.00 -0.60
CA GLU B 17 5.27 -15.50 -1.78
C GLU B 17 5.22 -14.44 -2.86
N TYR B 18 4.97 -13.19 -2.45
CA TYR B 18 4.92 -12.07 -3.37
C TYR B 18 5.96 -11.02 -3.01
N PRO B 19 6.67 -10.47 -4.00
CA PRO B 19 7.70 -9.44 -3.75
C PRO B 19 7.14 -8.19 -3.08
N GLU B 20 6.33 -7.44 -3.83
CA GLU B 20 5.71 -6.23 -3.33
C GLU B 20 4.60 -5.78 -4.27
N ILE B 21 4.57 -6.41 -5.44
CA ILE B 21 3.59 -6.16 -6.50
C ILE B 21 2.86 -4.82 -6.35
N ASN B 22 1.59 -4.81 -6.67
CA ASN B 22 0.84 -3.59 -6.56
C ASN B 22 0.50 -3.36 -5.09
N PHE B 23 0.97 -4.24 -4.21
CA PHE B 23 0.71 -4.04 -2.79
C PHE B 23 1.05 -2.63 -2.45
N VAL B 24 2.19 -2.18 -2.97
CA VAL B 24 2.59 -0.80 -2.79
C VAL B 24 1.71 0.06 -3.71
N GLY B 25 1.46 -0.44 -4.91
CA GLY B 25 0.61 0.28 -5.86
C GLY B 25 -0.80 0.55 -5.30
N LEU B 26 -1.63 -0.49 -5.28
CA LEU B 26 -3.00 -0.42 -4.75
C LEU B 26 -3.06 0.37 -3.45
N LEU B 27 -2.15 0.09 -2.53
CA LEU B 27 -2.11 0.77 -1.23
C LEU B 27 -1.86 2.26 -1.40
N ILE B 28 -1.25 2.62 -2.52
CA ILE B 28 -0.95 4.02 -2.80
C ILE B 28 -2.06 4.68 -3.62
N GLY B 29 -2.22 4.23 -4.86
CA GLY B 29 -3.22 4.80 -5.74
C GLY B 29 -2.56 5.77 -6.71
N PRO B 30 -3.28 6.34 -7.69
CA PRO B 30 -2.66 7.29 -8.62
C PRO B 30 -2.09 8.46 -7.84
N ARG B 31 -0.76 8.51 -7.78
CA ARG B 31 -0.03 9.51 -7.01
C ARG B 31 -0.06 9.09 -5.55
N GLY B 32 -1.25 8.70 -5.11
CA GLY B 32 -1.44 8.26 -3.76
C GLY B 32 -2.86 8.48 -3.30
N ASN B 33 -3.82 7.98 -4.09
CA ASN B 33 -5.24 8.11 -3.77
C ASN B 33 -5.56 7.40 -2.47
N THR B 34 -5.13 6.15 -2.38
CA THR B 34 -5.36 5.35 -1.18
C THR B 34 -4.66 5.96 0.03
N LEU B 35 -3.43 6.45 -0.18
CA LEU B 35 -2.65 7.06 0.90
C LEU B 35 -3.35 8.32 1.40
N LYS B 36 -3.60 9.25 0.48
CA LYS B 36 -4.25 10.51 0.82
C LYS B 36 -5.60 10.29 1.49
N ASN B 37 -6.38 9.34 0.97
CA ASN B 37 -7.68 9.03 1.52
C ASN B 37 -7.57 8.63 2.99
N ILE B 38 -6.64 7.73 3.28
CA ILE B 38 -6.42 7.27 4.65
C ILE B 38 -5.93 8.41 5.53
N GLU B 39 -5.16 9.32 4.93
CA GLU B 39 -4.62 10.47 5.65
C GLU B 39 -5.71 11.44 6.05
N LYS B 40 -6.68 11.65 5.15
CA LYS B 40 -7.78 12.56 5.41
C LYS B 40 -8.89 11.88 6.20
N GLU B 41 -8.80 10.56 6.31
CA GLU B 41 -9.81 9.79 7.05
C GLU B 41 -9.58 9.87 8.55
N CYS B 42 -8.67 9.04 9.07
CA CYS B 42 -8.38 9.02 10.49
C CYS B 42 -7.16 9.88 10.82
N ASN B 43 -6.86 10.84 9.94
CA ASN B 43 -5.73 11.74 10.15
C ASN B 43 -4.44 10.95 10.39
N ALA B 44 -3.98 10.25 9.36
CA ALA B 44 -2.75 9.45 9.47
C ALA B 44 -1.76 9.82 8.37
N LYS B 45 -0.60 9.16 8.39
CA LYS B 45 0.44 9.40 7.41
C LYS B 45 1.01 8.09 6.89
N ILE B 46 0.71 7.77 5.63
CA ILE B 46 1.18 6.55 5.01
C ILE B 46 2.54 6.75 4.36
N MET B 47 3.43 5.79 4.57
CA MET B 47 4.76 5.84 3.98
C MET B 47 5.36 4.44 3.91
N ILE B 48 5.21 3.80 2.75
CA ILE B 48 5.73 2.46 2.54
C ILE B 48 7.25 2.44 2.61
N ARG B 49 7.80 1.33 3.12
CA ARG B 49 9.24 1.16 3.25
C ARG B 49 9.65 -0.28 3.01
N GLY B 50 10.66 -0.48 2.16
CA GLY B 50 11.12 -1.82 1.86
C GLY B 50 11.66 -1.94 0.44
N LYS B 51 11.68 -3.17 -0.07
CA LYS B 51 12.17 -3.44 -1.42
C LYS B 51 11.19 -2.91 -2.47
N GLY B 52 10.07 -2.37 -2.00
CA GLY B 52 9.07 -1.83 -2.90
C GLY B 52 8.22 -0.77 -2.23
N SER B 53 8.67 0.48 -2.29
CA SER B 53 7.95 1.58 -1.67
C SER B 53 7.96 2.83 -2.53
N VAL B 54 9.13 3.46 -2.65
CA VAL B 54 9.27 4.68 -3.44
C VAL B 54 9.92 4.39 -4.79
N LYS B 55 9.55 3.25 -5.39
CA LYS B 55 10.08 2.85 -6.68
C LYS B 55 11.61 2.76 -6.65
N GLU B 56 12.28 3.45 -7.57
CA GLU B 56 13.74 3.44 -7.63
C GLU B 56 14.28 2.01 -7.70
N GLY B 57 14.05 1.36 -8.84
CA GLY B 57 14.51 0.00 -9.02
C GLY B 57 13.48 -0.87 -9.72
N LYS B 58 12.27 -0.35 -9.86
CA LYS B 58 11.19 -1.07 -10.52
C LYS B 58 11.32 -0.96 -12.04
N VAL B 59 10.47 -1.71 -12.75
CA VAL B 59 10.49 -1.70 -14.21
C VAL B 59 9.58 -0.61 -14.77
N GLY B 60 10.02 0.04 -15.84
CA GLY B 60 9.23 1.09 -16.45
C GLY B 60 9.68 2.48 -16.03
N ARG B 61 10.10 2.60 -14.77
CA ARG B 61 10.56 3.87 -14.24
C ARG B 61 12.08 3.95 -14.24
N LYS B 62 12.61 5.04 -13.69
CA LYS B 62 14.05 5.25 -13.64
C LYS B 62 14.65 4.48 -12.46
N ASP B 63 15.99 4.52 -12.37
CA ASP B 63 16.69 3.83 -11.29
C ASP B 63 17.45 4.83 -10.43
N GLY B 64 18.24 4.32 -9.49
CA GLY B 64 19.01 5.18 -8.61
C GLY B 64 18.88 4.78 -7.15
N GLN B 65 19.89 4.09 -6.63
CA GLN B 65 19.90 3.64 -5.25
C GLN B 65 20.20 4.80 -4.30
N MET B 66 19.15 5.47 -3.83
CA MET B 66 19.31 6.59 -2.92
C MET B 66 19.05 6.16 -1.48
N LEU B 67 17.94 5.45 -1.28
CA LEU B 67 17.58 4.96 0.05
C LEU B 67 17.92 3.48 0.22
N PRO B 68 18.46 3.10 1.39
CA PRO B 68 18.84 1.71 1.67
C PRO B 68 17.73 0.73 1.34
N GLY B 69 18.11 -0.48 0.95
CA GLY B 69 17.13 -1.51 0.60
C GLY B 69 17.56 -2.89 1.03
N GLU B 70 18.12 -3.00 2.23
CA GLU B 70 18.57 -4.28 2.76
C GLU B 70 18.12 -4.46 4.21
N ASP B 71 17.23 -3.59 4.67
CA ASP B 71 16.73 -3.65 6.02
C ASP B 71 15.21 -3.85 6.03
N GLU B 72 14.48 -2.83 5.57
CA GLU B 72 13.03 -2.88 5.53
C GLU B 72 12.55 -3.94 4.53
N PRO B 73 11.73 -4.89 5.01
CA PRO B 73 11.20 -5.97 4.16
C PRO B 73 10.17 -5.45 3.15
N LEU B 74 8.99 -5.10 3.65
CA LEU B 74 7.92 -4.58 2.80
C LEU B 74 6.72 -4.25 3.66
N HIS B 75 6.75 -3.08 4.28
CA HIS B 75 5.67 -2.65 5.16
C HIS B 75 5.37 -1.17 4.98
N ALA B 76 4.08 -0.82 5.06
CA ALA B 76 3.66 0.57 4.92
C ALA B 76 3.49 1.21 6.28
N LEU B 77 4.47 2.03 6.67
CA LEU B 77 4.43 2.70 7.96
C LEU B 77 3.36 3.79 7.99
N VAL B 78 2.36 3.60 8.85
CA VAL B 78 1.28 4.57 8.98
C VAL B 78 1.28 5.20 10.37
N THR B 79 1.62 6.47 10.43
CA THR B 79 1.68 7.19 11.71
C THR B 79 0.49 8.14 11.87
N ALA B 80 -0.25 7.95 12.96
CA ALA B 80 -1.41 8.78 13.25
C ALA B 80 -1.29 9.41 14.62
N ASN B 81 -2.42 9.87 15.17
CA ASN B 81 -2.43 10.50 16.49
C ASN B 81 -2.71 9.46 17.57
N THR B 82 -3.81 8.74 17.41
CA THR B 82 -4.20 7.72 18.39
C THR B 82 -4.16 6.33 17.76
N MET B 83 -4.01 5.31 18.60
CA MET B 83 -3.96 3.93 18.12
C MET B 83 -5.32 3.50 17.56
N GLU B 84 -6.37 4.20 17.96
CA GLU B 84 -7.72 3.88 17.50
C GLU B 84 -7.91 4.29 16.03
N ASN B 85 -7.64 5.57 15.75
CA ASN B 85 -7.78 6.09 14.39
C ASN B 85 -6.89 5.31 13.42
N VAL B 86 -5.64 5.10 13.81
CA VAL B 86 -4.70 4.36 12.97
C VAL B 86 -5.11 2.90 12.83
N LYS B 87 -5.82 2.38 13.83
CA LYS B 87 -6.28 1.00 13.81
C LYS B 87 -7.20 0.75 12.63
N LYS B 88 -8.29 1.51 12.55
CA LYS B 88 -9.25 1.35 11.45
C LYS B 88 -8.58 1.61 10.11
N ALA B 89 -7.72 2.62 10.06
CA ALA B 89 -7.01 2.95 8.83
C ALA B 89 -6.17 1.76 8.35
N VAL B 90 -5.48 1.13 9.28
CA VAL B 90 -4.66 -0.02 8.96
C VAL B 90 -5.52 -1.19 8.49
N GLU B 91 -6.73 -1.28 9.04
CA GLU B 91 -7.66 -2.34 8.67
C GLU B 91 -7.90 -2.35 7.16
N GLN B 92 -8.33 -1.22 6.63
CA GLN B 92 -8.57 -1.10 5.20
C GLN B 92 -7.29 -1.41 4.42
N ILE B 93 -6.17 -0.93 4.95
CA ILE B 93 -4.88 -1.17 4.33
C ILE B 93 -4.68 -2.66 4.11
N ARG B 94 -5.14 -3.46 5.05
CA ARG B 94 -5.02 -4.91 4.94
C ARG B 94 -5.90 -5.39 3.80
N ASN B 95 -7.09 -4.81 3.68
CA ASN B 95 -8.00 -5.17 2.60
C ASN B 95 -7.30 -5.03 1.26
N ILE B 96 -6.27 -4.19 1.25
CA ILE B 96 -5.50 -3.93 0.04
C ILE B 96 -4.36 -4.95 -0.14
N LEU B 97 -3.58 -5.18 0.92
CA LEU B 97 -2.46 -6.12 0.86
C LEU B 97 -2.93 -7.56 1.01
N LYS B 98 -3.51 -7.87 2.18
CA LYS B 98 -4.00 -9.21 2.49
C LYS B 98 -4.59 -9.87 1.26
N GLN B 99 -5.36 -9.09 0.51
CA GLN B 99 -5.97 -9.59 -0.71
C GLN B 99 -5.03 -9.37 -1.89
N GLY B 100 -4.69 -8.11 -2.13
CA GLY B 100 -3.78 -7.78 -3.21
C GLY B 100 -4.33 -8.12 -4.58
N ILE B 101 -3.60 -8.97 -5.31
CA ILE B 101 -4.02 -9.36 -6.64
C ILE B 101 -4.66 -10.74 -6.69
N GLU B 102 -4.74 -11.40 -5.54
CA GLU B 102 -5.32 -12.72 -5.45
C GLU B 102 -6.60 -12.68 -4.63
N THR B 103 -6.54 -11.96 -3.52
CA THR B 103 -7.67 -11.79 -2.62
C THR B 103 -8.25 -13.11 -2.14
N PRO B 104 -8.89 -13.11 -0.94
CA PRO B 104 -9.47 -14.32 -0.35
C PRO B 104 -10.54 -14.96 -1.24
N GLU B 105 -11.21 -15.98 -0.70
CA GLU B 105 -12.25 -16.68 -1.43
C GLU B 105 -13.55 -15.87 -1.45
N ASP B 106 -13.75 -15.06 -0.41
CA ASP B 106 -14.95 -14.24 -0.31
C ASP B 106 -15.11 -13.35 -1.53
N GLN B 107 -13.99 -12.80 -2.00
CA GLN B 107 -13.99 -11.92 -3.17
C GLN B 107 -13.47 -12.64 -4.39
N ASN B 108 -12.14 -12.63 -4.56
CA ASN B 108 -11.47 -13.28 -5.69
C ASN B 108 -11.68 -12.50 -6.99
N ASP B 109 -12.91 -12.14 -7.29
CA ASP B 109 -13.20 -11.38 -8.50
C ASP B 109 -12.66 -9.96 -8.37
N LEU B 110 -12.36 -9.58 -7.13
CA LEU B 110 -11.82 -8.26 -6.86
C LEU B 110 -10.29 -8.29 -6.93
N ARG B 111 -9.76 -9.40 -7.46
CA ARG B 111 -8.31 -9.56 -7.60
C ARG B 111 -7.70 -8.37 -8.34
N LYS B 112 -8.26 -8.07 -9.50
CA LYS B 112 -7.79 -6.97 -10.32
C LYS B 112 -8.52 -5.68 -9.97
N MET B 113 -9.47 -5.77 -9.04
CA MET B 113 -10.25 -4.62 -8.62
C MET B 113 -9.37 -3.58 -7.93
N GLN B 114 -8.30 -4.03 -7.29
CA GLN B 114 -7.40 -3.12 -6.60
C GLN B 114 -6.75 -2.17 -7.60
N LEU B 115 -6.76 -2.57 -8.87
CA LEU B 115 -6.20 -1.76 -9.95
C LEU B 115 -7.32 -0.95 -10.61
N ARG B 116 -8.53 -1.16 -10.12
CA ARG B 116 -9.70 -0.47 -10.63
C ARG B 116 -9.85 0.89 -9.97
N GLU B 117 -9.57 0.95 -8.67
CA GLU B 117 -9.66 2.20 -7.92
C GLU B 117 -8.87 3.30 -8.63
N LEU B 118 -7.72 2.91 -9.16
CA LEU B 118 -6.86 3.83 -9.89
C LEU B 118 -7.28 3.94 -11.35
N ALA B 119 -7.60 2.80 -11.94
CA ALA B 119 -8.02 2.74 -13.34
C ALA B 119 -9.24 3.62 -13.59
N ARG B 120 -10.38 3.20 -13.06
CA ARG B 120 -11.63 3.94 -13.24
C ARG B 120 -11.48 5.41 -12.85
N LEU B 121 -10.58 5.69 -11.90
CA LEU B 121 -10.35 7.05 -11.44
C LEU B 121 -9.92 7.95 -12.60
N ASN B 122 -8.83 7.59 -13.25
CA ASN B 122 -8.32 8.37 -14.37
C ASN B 122 -8.74 7.77 -15.71
N GLY B 123 -9.91 7.14 -15.72
CA GLY B 123 -10.41 6.52 -16.93
C GLY B 123 -9.46 5.48 -17.48
N THR B 124 -9.41 4.32 -16.83
CA THR B 124 -8.53 3.24 -17.23
C THR B 124 -9.05 1.89 -16.76
N LEU B 125 -10.36 1.83 -16.52
CA LEU B 125 -10.98 0.59 -16.05
C LEU B 125 -10.81 -0.53 -17.07
N ARG B 126 -11.89 -0.88 -17.75
CA ARG B 126 -11.87 -1.96 -18.73
C ARG B 126 -12.86 -1.68 -19.86
N THR B 5 3.17 13.32 20.61
CA THR B 5 2.28 12.18 20.73
C THR B 5 1.82 11.69 19.36
N ARG B 6 2.45 10.63 18.87
CA ARG B 6 2.12 10.07 17.57
C ARG B 6 2.18 8.54 17.60
N VAL B 7 1.12 7.90 17.13
CA VAL B 7 1.06 6.44 17.10
C VAL B 7 1.60 5.91 15.77
N SER B 8 2.17 4.70 15.82
CA SER B 8 2.73 4.08 14.63
C SER B 8 2.16 2.67 14.43
N ASP B 9 2.02 2.27 13.16
CA ASP B 9 1.49 0.96 12.83
C ASP B 9 1.82 0.59 11.39
N LYS B 10 2.73 -0.37 11.20
CA LYS B 10 3.12 -0.79 9.87
C LYS B 10 2.34 -2.03 9.43
N VAL B 11 2.20 -2.19 8.12
CA VAL B 11 1.50 -3.34 7.57
C VAL B 11 2.48 -4.25 6.86
N MET B 12 2.54 -5.50 7.31
CA MET B 12 3.46 -6.48 6.74
C MET B 12 2.95 -7.05 5.42
N ILE B 13 3.87 -7.21 4.47
CA ILE B 13 3.53 -7.76 3.15
C ILE B 13 4.17 -9.14 2.98
N PRO B 14 3.41 -10.13 2.49
CA PRO B 14 3.91 -11.49 2.29
C PRO B 14 4.88 -11.60 1.11
N GLN B 15 6.07 -11.02 1.26
CA GLN B 15 7.08 -11.06 0.21
C GLN B 15 7.47 -12.51 -0.10
N ASP B 16 7.11 -13.43 0.79
CA ASP B 16 7.41 -14.84 0.61
C ASP B 16 6.74 -15.37 -0.65
N GLU B 17 5.42 -15.26 -0.72
CA GLU B 17 4.66 -15.72 -1.87
C GLU B 17 4.89 -14.76 -3.04
N TYR B 18 4.60 -13.49 -2.82
CA TYR B 18 4.79 -12.46 -3.83
C TYR B 18 5.52 -11.27 -3.23
N PRO B 19 6.42 -10.63 -4.01
CA PRO B 19 7.21 -9.47 -3.55
C PRO B 19 6.35 -8.37 -2.93
N GLU B 20 6.25 -7.22 -3.62
CA GLU B 20 5.46 -6.10 -3.12
C GLU B 20 4.40 -5.71 -4.15
N ILE B 21 4.47 -6.35 -5.31
CA ILE B 21 3.54 -6.13 -6.43
C ILE B 21 2.76 -4.80 -6.32
N ASN B 22 1.48 -4.87 -6.62
CA ASN B 22 0.64 -3.72 -6.55
C ASN B 22 0.32 -3.41 -5.09
N PHE B 23 0.72 -4.30 -4.19
CA PHE B 23 0.47 -4.08 -2.77
C PHE B 23 0.83 -2.64 -2.44
N VAL B 24 1.96 -2.19 -2.96
CA VAL B 24 2.37 -0.82 -2.78
C VAL B 24 1.53 0.06 -3.69
N GLY B 25 1.33 -0.40 -4.94
CA GLY B 25 0.52 0.35 -5.89
C GLY B 25 -0.89 0.61 -5.37
N LEU B 26 -1.70 -0.45 -5.33
CA LEU B 26 -3.08 -0.40 -4.83
C LEU B 26 -3.19 0.40 -3.54
N LEU B 27 -2.27 0.15 -2.60
CA LEU B 27 -2.28 0.84 -1.32
C LEU B 27 -1.97 2.33 -1.48
N ILE B 28 -1.38 2.68 -2.61
CA ILE B 28 -1.04 4.07 -2.89
C ILE B 28 -2.13 4.77 -3.71
N GLY B 29 -2.36 4.27 -4.90
CA GLY B 29 -3.32 4.87 -5.80
C GLY B 29 -2.60 5.78 -6.78
N PRO B 30 -3.30 6.46 -7.72
CA PRO B 30 -2.62 7.33 -8.66
C PRO B 30 -1.99 8.49 -7.90
N ARG B 31 -0.66 8.47 -7.84
CA ARG B 31 0.12 9.44 -7.08
C ARG B 31 0.09 9.06 -5.62
N GLY B 32 -1.12 8.78 -5.14
CA GLY B 32 -1.30 8.40 -3.77
C GLY B 32 -2.72 8.65 -3.30
N ASN B 33 -3.69 8.18 -4.07
CA ASN B 33 -5.10 8.35 -3.74
C ASN B 33 -5.44 7.61 -2.45
N THR B 34 -5.07 6.35 -2.39
CA THR B 34 -5.33 5.53 -1.21
C THR B 34 -4.61 6.09 0.02
N LEU B 35 -3.34 6.43 -0.14
CA LEU B 35 -2.54 6.99 0.95
C LEU B 35 -3.18 8.27 1.49
N LYS B 36 -3.38 9.25 0.61
CA LYS B 36 -3.97 10.52 0.98
C LYS B 36 -5.38 10.34 1.54
N ASN B 37 -6.11 9.37 0.99
CA ASN B 37 -7.47 9.08 1.41
C ASN B 37 -7.50 8.79 2.91
N ILE B 38 -6.52 8.02 3.38
CA ILE B 38 -6.43 7.67 4.80
C ILE B 38 -6.09 8.90 5.62
N GLU B 39 -5.21 9.74 5.08
CA GLU B 39 -4.80 10.97 5.76
C GLU B 39 -5.99 11.90 5.94
N LYS B 40 -6.94 11.83 5.01
CA LYS B 40 -8.13 12.66 5.06
C LYS B 40 -9.20 12.03 5.94
N GLU B 41 -9.09 10.72 6.14
CA GLU B 41 -10.06 9.99 6.97
C GLU B 41 -9.64 9.95 8.42
N CYS B 42 -8.77 9.01 8.77
CA CYS B 42 -8.31 8.85 10.15
C CYS B 42 -7.10 9.74 10.43
N ASN B 43 -6.84 10.69 9.52
CA ASN B 43 -5.71 11.61 9.69
C ASN B 43 -4.41 10.83 9.93
N ALA B 44 -4.13 9.87 9.05
CA ALA B 44 -2.93 9.05 9.16
C ALA B 44 -1.98 9.29 8.00
N LYS B 45 -0.68 9.27 8.29
CA LYS B 45 0.34 9.47 7.26
C LYS B 45 0.82 8.14 6.72
N ILE B 46 0.47 7.84 5.48
CA ILE B 46 0.87 6.59 4.84
C ILE B 46 2.23 6.71 4.16
N MET B 47 3.18 5.91 4.60
CA MET B 47 4.53 5.93 4.03
C MET B 47 5.10 4.53 3.95
N ILE B 48 4.97 3.93 2.78
CA ILE B 48 5.48 2.57 2.56
C ILE B 48 7.00 2.54 2.55
N ARG B 49 7.56 1.51 3.20
CA ARG B 49 9.01 1.36 3.28
C ARG B 49 9.42 -0.08 2.99
N GLY B 50 10.73 -0.29 2.86
CA GLY B 50 11.24 -1.63 2.58
C GLY B 50 11.78 -1.76 1.18
N LYS B 51 12.18 -2.97 0.81
CA LYS B 51 12.72 -3.22 -0.52
C LYS B 51 11.61 -3.21 -1.57
N GLY B 52 11.25 -2.01 -2.02
CA GLY B 52 10.20 -1.87 -3.00
C GLY B 52 9.01 -1.12 -2.44
N SER B 53 9.10 0.21 -2.39
CA SER B 53 8.01 1.02 -1.85
C SER B 53 7.94 2.39 -2.50
N VAL B 54 9.09 3.03 -2.71
CA VAL B 54 9.12 4.37 -3.30
C VAL B 54 9.54 4.35 -4.77
N LYS B 55 9.01 3.38 -5.52
CA LYS B 55 9.27 3.25 -6.95
C LYS B 55 10.74 3.54 -7.27
N GLU B 56 11.58 2.51 -7.17
CA GLU B 56 13.00 2.66 -7.45
C GLU B 56 13.29 2.48 -8.94
N GLY B 57 12.61 1.53 -9.56
CA GLY B 57 12.79 1.27 -10.98
C GLY B 57 11.84 0.23 -11.52
N LYS B 58 10.61 0.23 -11.02
CA LYS B 58 9.60 -0.72 -11.46
C LYS B 58 8.87 -0.20 -12.70
N VAL B 59 9.10 1.06 -13.01
CA VAL B 59 8.47 1.68 -14.18
C VAL B 59 9.19 2.99 -14.55
N GLY B 60 8.74 3.60 -15.64
CA GLY B 60 9.35 4.86 -16.08
C GLY B 60 8.94 6.03 -15.23
N ARG B 61 9.44 6.08 -14.00
CA ARG B 61 9.12 7.17 -13.08
C ARG B 61 10.33 7.54 -12.24
N LYS B 62 10.10 8.32 -11.18
CA LYS B 62 11.17 8.74 -10.29
C LYS B 62 11.92 7.54 -9.72
N ASP B 63 13.14 7.79 -9.23
CA ASP B 63 13.96 6.74 -8.66
C ASP B 63 13.99 6.84 -7.14
N GLY B 64 14.15 5.69 -6.48
CA GLY B 64 14.20 5.67 -5.03
C GLY B 64 15.45 5.01 -4.49
N GLN B 65 16.61 5.52 -4.89
CA GLN B 65 17.88 4.98 -4.45
C GLN B 65 18.49 5.83 -3.34
N MET B 66 19.71 5.48 -2.96
CA MET B 66 20.45 6.18 -1.92
C MET B 66 19.75 6.15 -0.56
N LEU B 67 18.51 5.68 -0.51
CA LEU B 67 17.78 5.59 0.76
C LEU B 67 18.01 4.24 1.43
N PRO B 68 18.27 4.25 2.75
CA PRO B 68 18.51 3.01 3.52
C PRO B 68 17.39 1.99 3.36
N GLY B 69 17.60 0.82 3.94
CA GLY B 69 16.60 -0.24 3.87
C GLY B 69 16.33 -0.87 5.23
N GLU B 70 17.31 -0.81 6.11
CA GLU B 70 17.19 -1.37 7.45
C GLU B 70 16.87 -2.86 7.39
N ASP B 71 17.28 -3.50 6.30
CA ASP B 71 17.05 -4.93 6.10
C ASP B 71 15.59 -5.29 6.31
N GLU B 72 14.70 -4.34 6.01
CA GLU B 72 13.26 -4.56 6.16
C GLU B 72 12.68 -5.27 4.95
N PRO B 73 11.66 -6.12 5.15
CA PRO B 73 11.03 -6.87 4.06
C PRO B 73 10.15 -5.98 3.17
N LEU B 74 9.03 -5.52 3.73
CA LEU B 74 8.10 -4.66 3.00
C LEU B 74 6.94 -4.29 3.91
N HIS B 75 7.02 -3.12 4.51
CA HIS B 75 5.98 -2.67 5.42
C HIS B 75 5.66 -1.20 5.22
N ALA B 76 4.36 -0.89 5.22
CA ALA B 76 3.92 0.48 5.07
C ALA B 76 3.67 1.12 6.43
N LEU B 77 4.57 2.01 6.83
CA LEU B 77 4.47 2.68 8.12
C LEU B 77 3.38 3.75 8.10
N VAL B 78 2.35 3.53 8.91
CA VAL B 78 1.24 4.47 9.01
C VAL B 78 1.23 5.15 10.37
N THR B 79 1.34 6.47 10.38
CA THR B 79 1.36 7.24 11.62
C THR B 79 0.03 7.94 11.88
N ALA B 80 -0.18 8.35 13.11
CA ALA B 80 -1.40 9.05 13.51
C ALA B 80 -1.26 9.66 14.89
N ASN B 81 -2.39 9.98 15.52
CA ASN B 81 -2.39 10.59 16.85
C ASN B 81 -2.86 9.60 17.90
N THR B 82 -3.72 8.66 17.48
CA THR B 82 -4.26 7.66 18.39
C THR B 82 -4.23 6.26 17.76
N MET B 83 -4.10 5.25 18.61
CA MET B 83 -4.06 3.87 18.14
C MET B 83 -5.40 3.45 17.53
N GLU B 84 -6.47 4.11 17.95
CA GLU B 84 -7.81 3.81 17.44
C GLU B 84 -7.95 4.23 15.98
N ASN B 85 -7.58 5.47 15.69
CA ASN B 85 -7.66 5.98 14.33
C ASN B 85 -6.77 5.19 13.38
N VAL B 86 -5.54 4.94 13.81
CA VAL B 86 -4.60 4.18 12.99
C VAL B 86 -5.03 2.73 12.86
N LYS B 87 -5.77 2.23 13.85
CA LYS B 87 -6.25 0.86 13.84
C LYS B 87 -7.19 0.62 12.67
N LYS B 88 -8.26 1.42 12.59
CA LYS B 88 -9.23 1.30 11.51
C LYS B 88 -8.56 1.56 10.17
N ALA B 89 -7.65 2.54 10.14
CA ALA B 89 -6.94 2.89 8.93
C ALA B 89 -6.10 1.72 8.43
N VAL B 90 -5.40 1.07 9.35
CA VAL B 90 -4.57 -0.07 9.01
C VAL B 90 -5.44 -1.24 8.56
N GLU B 91 -6.66 -1.31 9.10
CA GLU B 91 -7.59 -2.37 8.76
C GLU B 91 -7.84 -2.39 7.25
N GLN B 92 -8.30 -1.26 6.72
CA GLN B 92 -8.57 -1.14 5.30
C GLN B 92 -7.30 -1.44 4.50
N ILE B 93 -6.17 -0.95 5.00
CA ILE B 93 -4.89 -1.18 4.35
C ILE B 93 -4.67 -2.67 4.16
N ARG B 94 -5.12 -3.46 5.12
CA ARG B 94 -5.00 -4.91 5.03
C ARG B 94 -5.87 -5.43 3.90
N ASN B 95 -7.06 -4.85 3.76
CA ASN B 95 -7.97 -5.26 2.70
C ASN B 95 -7.29 -5.05 1.35
N ILE B 96 -6.29 -4.19 1.34
CA ILE B 96 -5.54 -3.90 0.12
C ILE B 96 -4.42 -4.91 -0.13
N LEU B 97 -3.66 -5.22 0.92
CA LEU B 97 -2.54 -6.17 0.82
C LEU B 97 -3.02 -7.62 0.91
N LYS B 98 -3.61 -7.97 2.06
CA LYS B 98 -4.12 -9.32 2.30
C LYS B 98 -4.69 -9.92 1.03
N GLN B 99 -5.50 -9.15 0.33
CA GLN B 99 -6.10 -9.60 -0.92
C GLN B 99 -5.18 -9.27 -2.09
N GLY B 100 -4.69 -8.02 -2.12
CA GLY B 100 -3.79 -7.61 -3.18
C GLY B 100 -4.32 -7.97 -4.54
N ILE B 101 -3.51 -8.69 -5.31
CA ILE B 101 -3.93 -9.11 -6.64
C ILE B 101 -4.33 -10.57 -6.64
N GLU B 102 -3.71 -11.34 -5.76
CA GLU B 102 -4.04 -12.76 -5.63
C GLU B 102 -5.15 -12.90 -4.60
N THR B 103 -6.07 -11.93 -4.64
CA THR B 103 -7.21 -11.88 -3.74
C THR B 103 -7.85 -13.25 -3.53
N PRO B 104 -8.58 -13.43 -2.40
CA PRO B 104 -9.24 -14.71 -2.06
C PRO B 104 -10.06 -15.30 -3.20
N GLU B 105 -10.59 -16.50 -2.98
CA GLU B 105 -11.40 -17.19 -3.99
C GLU B 105 -12.77 -16.52 -4.14
N ASP B 106 -13.45 -16.28 -3.02
CA ASP B 106 -14.76 -15.65 -3.03
C ASP B 106 -14.69 -14.28 -3.69
N GLN B 107 -13.49 -13.73 -3.78
CA GLN B 107 -13.28 -12.42 -4.39
C GLN B 107 -11.97 -12.41 -5.17
N ASN B 108 -12.05 -12.55 -6.48
CA ASN B 108 -10.86 -12.55 -7.33
C ASN B 108 -10.99 -11.55 -8.48
N ASP B 109 -11.70 -11.97 -9.53
CA ASP B 109 -11.90 -11.12 -10.70
C ASP B 109 -12.58 -9.81 -10.32
N LEU B 110 -13.41 -9.87 -9.28
CA LEU B 110 -14.13 -8.70 -8.81
C LEU B 110 -13.33 -7.96 -7.73
N ARG B 111 -12.41 -8.68 -7.09
CA ARG B 111 -11.58 -8.11 -6.04
C ARG B 111 -10.41 -7.34 -6.63
N LYS B 112 -10.29 -7.36 -7.95
CA LYS B 112 -9.20 -6.65 -8.64
C LYS B 112 -9.47 -5.15 -8.59
N MET B 113 -10.49 -4.77 -7.81
CA MET B 113 -10.85 -3.37 -7.65
C MET B 113 -9.66 -2.56 -7.14
N GLN B 114 -8.67 -3.25 -6.59
CA GLN B 114 -7.47 -2.59 -6.09
C GLN B 114 -6.85 -1.73 -7.19
N LEU B 115 -7.16 -2.11 -8.42
CA LEU B 115 -6.67 -1.39 -9.60
C LEU B 115 -7.79 -0.58 -10.22
N ARG B 116 -9.02 -0.83 -9.77
CA ARG B 116 -10.17 -0.09 -10.27
C ARG B 116 -10.31 1.24 -9.56
N GLU B 117 -9.79 1.31 -8.34
CA GLU B 117 -9.85 2.55 -7.57
C GLU B 117 -9.09 3.64 -8.31
N LEU B 118 -7.96 3.24 -8.91
CA LEU B 118 -7.14 4.14 -9.68
C LEU B 118 -7.66 4.25 -11.11
N ALA B 119 -8.00 3.09 -11.69
CA ALA B 119 -8.51 3.03 -13.05
C ALA B 119 -9.75 3.90 -13.24
N ARG B 120 -10.85 3.49 -12.63
CA ARG B 120 -12.10 4.25 -12.74
C ARG B 120 -11.90 5.72 -12.45
N LEU B 121 -10.92 6.03 -11.60
CA LEU B 121 -10.63 7.42 -11.24
C LEU B 121 -10.07 8.19 -12.43
N ASN B 122 -9.18 7.55 -13.18
CA ASN B 122 -8.57 8.19 -14.34
C ASN B 122 -9.10 7.62 -15.65
N GLY B 123 -10.31 7.04 -15.59
CA GLY B 123 -10.91 6.46 -16.77
C GLY B 123 -10.20 5.20 -17.24
N THR B 124 -9.20 4.77 -16.47
CA THR B 124 -8.43 3.58 -16.80
C THR B 124 -9.22 2.31 -16.48
N LEU B 125 -10.53 2.44 -16.29
CA LEU B 125 -11.37 1.29 -16.02
C LEU B 125 -11.59 0.49 -17.29
N ARG B 126 -11.63 -0.83 -17.15
CA ARG B 126 -11.83 -1.74 -18.28
C ARG B 126 -12.74 -1.13 -19.34
N THR B 5 3.32 12.88 20.96
CA THR B 5 2.03 12.23 20.83
C THR B 5 1.78 11.80 19.38
N ARG B 6 2.36 10.68 19.00
CA ARG B 6 2.21 10.16 17.65
C ARG B 6 2.22 8.63 17.65
N VAL B 7 1.13 8.04 17.16
CA VAL B 7 1.02 6.58 17.10
C VAL B 7 1.55 6.05 15.77
N SER B 8 2.12 4.85 15.79
CA SER B 8 2.66 4.25 14.58
C SER B 8 2.17 2.82 14.40
N ASP B 9 2.00 2.42 13.14
CA ASP B 9 1.54 1.07 12.81
C ASP B 9 1.78 0.75 11.34
N LYS B 10 2.79 -0.08 11.08
CA LYS B 10 3.11 -0.47 9.71
C LYS B 10 2.41 -1.75 9.31
N VAL B 11 2.17 -1.91 8.02
CA VAL B 11 1.53 -3.11 7.51
C VAL B 11 2.56 -4.03 6.86
N MET B 12 2.62 -5.27 7.33
CA MET B 12 3.59 -6.23 6.82
C MET B 12 3.16 -6.79 5.47
N ILE B 13 4.14 -6.94 4.58
CA ILE B 13 3.89 -7.47 3.24
C ILE B 13 4.43 -8.89 3.12
N PRO B 14 3.65 -9.82 2.51
CA PRO B 14 4.06 -11.21 2.34
C PRO B 14 5.13 -11.38 1.26
N GLN B 15 6.30 -10.78 1.50
CA GLN B 15 7.40 -10.87 0.55
C GLN B 15 7.90 -12.30 0.40
N ASP B 16 7.39 -13.19 1.25
CA ASP B 16 7.79 -14.60 1.20
C ASP B 16 7.27 -15.26 -0.07
N GLU B 17 6.15 -14.76 -0.57
CA GLU B 17 5.55 -15.30 -1.79
C GLU B 17 5.63 -14.30 -2.93
N TYR B 18 5.01 -13.13 -2.74
CA TYR B 18 5.03 -12.08 -3.74
C TYR B 18 6.05 -11.00 -3.37
N PRO B 19 6.68 -10.36 -4.37
CA PRO B 19 7.68 -9.31 -4.12
C PRO B 19 7.08 -8.11 -3.41
N GLU B 20 6.15 -7.44 -4.09
CA GLU B 20 5.49 -6.26 -3.53
C GLU B 20 4.34 -5.84 -4.43
N ILE B 21 4.31 -6.43 -5.63
CA ILE B 21 3.30 -6.19 -6.65
C ILE B 21 2.57 -4.86 -6.47
N ASN B 22 1.28 -4.86 -6.77
CA ASN B 22 0.51 -3.66 -6.62
C ASN B 22 0.20 -3.43 -5.15
N PHE B 23 0.62 -4.35 -4.28
CA PHE B 23 0.38 -4.16 -2.86
C PHE B 23 0.76 -2.75 -2.50
N VAL B 24 1.90 -2.31 -3.00
CA VAL B 24 2.35 -0.94 -2.79
C VAL B 24 1.52 -0.03 -3.70
N GLY B 25 1.31 -0.48 -4.94
CA GLY B 25 0.51 0.31 -5.88
C GLY B 25 -0.88 0.64 -5.34
N LEU B 26 -1.74 -0.38 -5.30
CA LEU B 26 -3.11 -0.25 -4.79
C LEU B 26 -3.15 0.51 -3.48
N LEU B 27 -2.26 0.17 -2.56
CA LEU B 27 -2.20 0.83 -1.26
C LEU B 27 -1.89 2.31 -1.42
N ILE B 28 -1.31 2.66 -2.56
CA ILE B 28 -0.95 4.04 -2.84
C ILE B 28 -2.02 4.75 -3.67
N GLY B 29 -2.19 4.31 -4.91
CA GLY B 29 -3.15 4.94 -5.81
C GLY B 29 -2.43 5.89 -6.75
N PRO B 30 -3.10 6.46 -7.77
CA PRO B 30 -2.42 7.39 -8.66
C PRO B 30 -1.82 8.53 -7.87
N ARG B 31 -0.50 8.52 -7.78
CA ARG B 31 0.27 9.48 -6.98
C ARG B 31 0.19 9.06 -5.53
N GLY B 32 -1.01 8.73 -5.09
CA GLY B 32 -1.22 8.30 -3.74
C GLY B 32 -2.65 8.48 -3.28
N ASN B 33 -3.59 7.98 -4.08
CA ASN B 33 -5.00 8.10 -3.78
C ASN B 33 -5.33 7.37 -2.48
N THR B 34 -5.02 6.08 -2.43
CA THR B 34 -5.29 5.27 -1.25
C THR B 34 -4.54 5.81 -0.03
N LEU B 35 -3.31 6.27 -0.22
CA LEU B 35 -2.50 6.80 0.87
C LEU B 35 -3.21 7.98 1.54
N LYS B 36 -3.49 9.02 0.76
CA LYS B 36 -4.14 10.22 1.26
C LYS B 36 -5.56 9.93 1.74
N ASN B 37 -6.20 8.93 1.13
CA ASN B 37 -7.57 8.58 1.49
C ASN B 37 -7.63 8.02 2.91
N ILE B 38 -6.93 6.92 3.14
CA ILE B 38 -6.92 6.29 4.45
C ILE B 38 -6.37 7.24 5.50
N GLU B 39 -5.44 8.10 5.08
CA GLU B 39 -4.83 9.07 5.97
C GLU B 39 -5.78 10.23 6.27
N LYS B 40 -6.72 10.47 5.37
CA LYS B 40 -7.70 11.55 5.53
C LYS B 40 -8.86 11.11 6.42
N GLU B 41 -9.08 9.81 6.49
CA GLU B 41 -10.18 9.26 7.30
C GLU B 41 -9.76 9.08 8.76
N CYS B 42 -8.46 9.04 9.01
CA CYS B 42 -7.95 8.86 10.37
C CYS B 42 -6.90 9.91 10.72
N ASN B 43 -6.73 10.88 9.84
CA ASN B 43 -5.75 11.95 10.07
C ASN B 43 -4.36 11.36 10.33
N ALA B 44 -3.98 10.37 9.52
CA ALA B 44 -2.68 9.72 9.67
C ALA B 44 -1.78 10.02 8.48
N LYS B 45 -0.66 9.30 8.40
CA LYS B 45 0.30 9.48 7.33
C LYS B 45 0.83 8.13 6.83
N ILE B 46 0.54 7.83 5.57
CA ILE B 46 0.99 6.57 4.97
C ILE B 46 2.37 6.71 4.34
N MET B 47 3.24 5.74 4.62
CA MET B 47 4.59 5.75 4.09
C MET B 47 5.13 4.33 3.97
N ILE B 48 5.18 3.81 2.74
CA ILE B 48 5.67 2.46 2.49
C ILE B 48 7.19 2.41 2.38
N ARG B 49 7.85 1.99 3.46
CA ARG B 49 9.31 1.89 3.48
C ARG B 49 9.75 0.44 3.29
N GLY B 50 11.05 0.25 3.08
CA GLY B 50 11.58 -1.09 2.88
C GLY B 50 12.26 -1.25 1.54
N LYS B 51 12.65 -2.48 1.22
CA LYS B 51 13.31 -2.77 -0.04
C LYS B 51 12.29 -2.97 -1.16
N GLY B 52 12.08 -1.93 -1.96
CA GLY B 52 11.12 -2.01 -3.04
C GLY B 52 9.75 -1.52 -2.62
N SER B 53 9.61 -0.21 -2.51
CA SER B 53 8.34 0.38 -2.10
C SER B 53 8.18 1.82 -2.59
N VAL B 54 9.30 2.54 -2.72
CA VAL B 54 9.24 3.93 -3.17
C VAL B 54 9.55 4.06 -4.65
N LYS B 55 9.05 3.11 -5.45
CA LYS B 55 9.26 3.15 -6.90
C LYS B 55 10.73 3.34 -7.24
N GLU B 56 11.61 2.75 -6.43
CA GLU B 56 13.04 2.87 -6.65
C GLU B 56 13.55 1.75 -7.57
N GLY B 57 12.97 0.57 -7.43
CA GLY B 57 13.38 -0.56 -8.25
C GLY B 57 12.23 -1.10 -9.10
N LYS B 58 11.06 -0.51 -8.94
CA LYS B 58 9.89 -0.93 -9.70
C LYS B 58 9.80 -0.19 -11.03
N VAL B 59 9.43 -0.93 -12.08
CA VAL B 59 9.30 -0.36 -13.43
C VAL B 59 10.55 0.42 -13.84
N GLY B 60 10.53 0.98 -15.05
CA GLY B 60 11.66 1.73 -15.55
C GLY B 60 11.70 3.15 -15.03
N ARG B 61 11.51 3.31 -13.73
CA ARG B 61 11.52 4.63 -13.10
C ARG B 61 12.93 5.02 -12.68
N LYS B 62 13.04 6.07 -11.87
CA LYS B 62 14.33 6.55 -11.38
C LYS B 62 15.06 5.45 -10.60
N ASP B 63 16.15 4.95 -11.18
CA ASP B 63 16.94 3.90 -10.53
C ASP B 63 18.03 4.50 -9.66
N GLY B 64 18.94 3.64 -9.19
CA GLY B 64 20.03 4.10 -8.34
C GLY B 64 19.72 3.93 -6.87
N GLN B 65 20.19 2.83 -6.29
CA GLN B 65 19.97 2.56 -4.87
C GLN B 65 20.65 3.60 -3.99
N MET B 66 19.83 4.44 -3.36
CA MET B 66 20.35 5.49 -2.48
C MET B 66 19.88 5.27 -1.05
N LEU B 67 18.59 4.99 -0.89
CA LEU B 67 18.01 4.76 0.43
C LEU B 67 18.24 3.32 0.87
N PRO B 68 18.50 3.11 2.18
CA PRO B 68 18.73 1.78 2.75
C PRO B 68 17.63 0.79 2.36
N GLY B 69 18.01 -0.48 2.20
CA GLY B 69 17.05 -1.49 1.84
C GLY B 69 17.40 -2.86 2.40
N GLU B 70 18.16 -2.87 3.49
CA GLU B 70 18.57 -4.12 4.13
C GLU B 70 18.18 -4.13 5.60
N ASP B 71 16.89 -4.02 5.87
CA ASP B 71 16.38 -4.01 7.24
C ASP B 71 14.97 -4.60 7.30
N GLU B 72 14.04 -3.96 6.61
CA GLU B 72 12.65 -4.42 6.59
C GLU B 72 12.29 -5.01 5.22
N PRO B 73 11.46 -6.06 5.20
CA PRO B 73 11.04 -6.73 3.96
C PRO B 73 10.17 -5.84 3.08
N LEU B 74 9.12 -5.27 3.67
CA LEU B 74 8.19 -4.40 2.94
C LEU B 74 7.05 -4.04 3.86
N HIS B 75 7.06 -2.81 4.37
CA HIS B 75 6.03 -2.37 5.29
C HIS B 75 5.62 -0.93 5.02
N ALA B 76 4.37 -0.63 5.30
CA ALA B 76 3.85 0.72 5.12
C ALA B 76 3.50 1.34 6.47
N LEU B 77 4.43 2.12 7.01
CA LEU B 77 4.24 2.76 8.31
C LEU B 77 3.15 3.83 8.25
N VAL B 78 2.24 3.78 9.20
CA VAL B 78 1.15 4.74 9.27
C VAL B 78 1.16 5.45 10.63
N THR B 79 1.44 6.75 10.61
CA THR B 79 1.48 7.54 11.83
C THR B 79 0.24 8.41 12.00
N ALA B 80 -0.45 8.22 13.12
CA ALA B 80 -1.65 9.00 13.41
C ALA B 80 -1.53 9.68 14.78
N ASN B 81 -2.67 10.10 15.33
CA ASN B 81 -2.70 10.77 16.63
C ASN B 81 -3.17 9.82 17.72
N THR B 82 -3.87 8.76 17.32
CA THR B 82 -4.39 7.77 18.27
C THR B 82 -4.32 6.37 17.68
N MET B 83 -4.15 5.38 18.55
CA MET B 83 -4.07 3.99 18.12
C MET B 83 -5.38 3.54 17.49
N GLU B 84 -6.48 4.15 17.92
CA GLU B 84 -7.80 3.81 17.40
C GLU B 84 -7.93 4.21 15.93
N ASN B 85 -7.53 5.43 15.62
CA ASN B 85 -7.62 5.94 14.25
C ASN B 85 -6.68 5.16 13.33
N VAL B 86 -5.46 4.93 13.78
CA VAL B 86 -4.47 4.20 12.99
C VAL B 86 -4.87 2.73 12.85
N LYS B 87 -5.60 2.23 13.83
CA LYS B 87 -6.05 0.83 13.80
C LYS B 87 -7.01 0.61 12.64
N LYS B 88 -8.11 1.38 12.61
CA LYS B 88 -9.08 1.25 11.55
C LYS B 88 -8.44 1.57 10.20
N ALA B 89 -7.49 2.50 10.23
CA ALA B 89 -6.76 2.88 9.02
C ALA B 89 -6.01 1.69 8.44
N VAL B 90 -5.31 0.98 9.32
CA VAL B 90 -4.55 -0.19 8.90
C VAL B 90 -5.49 -1.30 8.46
N GLU B 91 -6.71 -1.30 9.01
CA GLU B 91 -7.71 -2.31 8.65
C GLU B 91 -7.96 -2.27 7.15
N GLN B 92 -8.27 -1.10 6.63
CA GLN B 92 -8.51 -0.93 5.21
C GLN B 92 -7.26 -1.29 4.43
N ILE B 93 -6.11 -0.85 4.94
CA ILE B 93 -4.82 -1.13 4.31
C ILE B 93 -4.66 -2.62 4.08
N ARG B 94 -5.16 -3.41 5.03
CA ARG B 94 -5.08 -4.86 4.92
C ARG B 94 -5.96 -5.35 3.79
N ASN B 95 -7.16 -4.77 3.68
CA ASN B 95 -8.08 -5.15 2.61
C ASN B 95 -7.40 -4.98 1.25
N ILE B 96 -6.41 -4.09 1.22
CA ILE B 96 -5.68 -3.83 -0.02
C ILE B 96 -4.63 -4.90 -0.31
N LEU B 97 -3.80 -5.20 0.69
CA LEU B 97 -2.74 -6.21 0.53
C LEU B 97 -3.28 -7.62 0.69
N LYS B 98 -3.81 -7.92 1.88
CA LYS B 98 -4.36 -9.24 2.19
C LYS B 98 -5.05 -9.85 0.97
N GLN B 99 -5.78 -9.01 0.24
CA GLN B 99 -6.49 -9.45 -0.95
C GLN B 99 -5.63 -9.20 -2.19
N GLY B 100 -4.99 -8.02 -2.24
CA GLY B 100 -4.12 -7.67 -3.35
C GLY B 100 -4.57 -8.25 -4.67
N ILE B 101 -3.71 -9.06 -5.27
CA ILE B 101 -4.01 -9.69 -6.55
C ILE B 101 -4.44 -11.14 -6.36
N GLU B 102 -4.49 -11.58 -5.11
CA GLU B 102 -4.89 -12.93 -4.77
C GLU B 102 -5.91 -12.89 -3.64
N THR B 103 -6.93 -12.06 -3.82
CA THR B 103 -7.98 -11.89 -2.83
C THR B 103 -8.64 -13.23 -2.48
N PRO B 104 -9.27 -13.32 -1.29
CA PRO B 104 -9.94 -14.55 -0.85
C PRO B 104 -10.87 -15.12 -1.92
N GLU B 105 -11.20 -16.40 -1.80
CA GLU B 105 -12.07 -17.07 -2.76
C GLU B 105 -13.46 -16.42 -2.79
N ASP B 106 -13.78 -15.65 -1.75
CA ASP B 106 -15.07 -14.98 -1.68
C ASP B 106 -15.13 -13.79 -2.63
N GLN B 107 -14.01 -13.50 -3.28
CA GLN B 107 -13.93 -12.39 -4.22
C GLN B 107 -12.59 -12.37 -4.95
N ASN B 108 -12.02 -13.55 -5.15
CA ASN B 108 -10.73 -13.66 -5.82
C ASN B 108 -10.77 -13.08 -7.23
N ASP B 109 -11.94 -13.14 -7.87
CA ASP B 109 -12.08 -12.59 -9.22
C ASP B 109 -11.77 -11.10 -9.20
N LEU B 110 -11.89 -10.49 -8.03
CA LEU B 110 -11.60 -9.08 -7.87
C LEU B 110 -10.12 -8.89 -7.58
N ARG B 111 -9.32 -9.87 -8.00
CA ARG B 111 -7.87 -9.83 -7.80
C ARG B 111 -7.27 -8.64 -8.52
N LYS B 112 -7.68 -8.48 -9.78
CA LYS B 112 -7.20 -7.38 -10.59
C LYS B 112 -8.10 -6.15 -10.42
N MET B 113 -8.98 -6.22 -9.43
CA MET B 113 -9.91 -5.14 -9.16
C MET B 113 -9.24 -4.00 -8.39
N GLN B 114 -8.21 -4.30 -7.62
CA GLN B 114 -7.52 -3.26 -6.85
C GLN B 114 -6.88 -2.24 -7.78
N LEU B 115 -6.77 -2.61 -9.06
CA LEU B 115 -6.21 -1.73 -10.08
C LEU B 115 -7.31 -0.89 -10.70
N ARG B 116 -8.53 -1.09 -10.20
CA ARG B 116 -9.69 -0.34 -10.68
C ARG B 116 -9.78 1.01 -9.97
N GLU B 117 -9.47 1.00 -8.67
CA GLU B 117 -9.50 2.22 -7.88
C GLU B 117 -8.72 3.32 -8.59
N LEU B 118 -7.59 2.93 -9.16
CA LEU B 118 -6.72 3.84 -9.88
C LEU B 118 -7.18 3.99 -11.33
N ALA B 119 -7.53 2.87 -11.95
CA ALA B 119 -7.98 2.85 -13.35
C ALA B 119 -9.11 3.83 -13.57
N ARG B 120 -10.27 3.53 -12.99
CA ARG B 120 -11.45 4.39 -13.13
C ARG B 120 -11.15 5.84 -12.73
N LEU B 121 -10.38 6.00 -11.67
CA LEU B 121 -10.03 7.33 -11.18
C LEU B 121 -9.30 8.14 -12.24
N ASN B 122 -8.40 7.49 -12.97
CA ASN B 122 -7.64 8.16 -14.01
C ASN B 122 -8.12 7.73 -15.39
N GLY B 123 -9.37 7.26 -15.46
CA GLY B 123 -9.94 6.83 -16.73
C GLY B 123 -9.13 5.72 -17.37
N THR B 124 -9.20 4.53 -16.78
CA THR B 124 -8.47 3.38 -17.29
C THR B 124 -9.06 2.07 -16.77
N LEU B 125 -10.36 2.09 -16.47
CA LEU B 125 -11.03 0.90 -15.97
C LEU B 125 -10.91 -0.24 -16.99
N ARG B 126 -11.96 -0.44 -17.77
CA ARG B 126 -11.98 -1.49 -18.77
C ARG B 126 -12.90 -1.12 -19.93
N THR B 5 3.34 13.40 20.03
CA THR B 5 2.31 12.38 20.17
C THR B 5 1.95 11.79 18.80
N ARG B 6 2.66 10.74 18.41
CA ARG B 6 2.42 10.08 17.13
C ARG B 6 2.45 8.56 17.26
N VAL B 7 1.35 7.93 16.86
CA VAL B 7 1.23 6.47 16.92
C VAL B 7 1.52 5.87 15.54
N SER B 8 2.21 4.72 15.53
CA SER B 8 2.55 4.08 14.26
C SER B 8 1.88 2.71 14.11
N ASP B 9 1.80 2.25 12.87
CA ASP B 9 1.19 0.96 12.56
C ASP B 9 1.75 0.42 11.24
N LYS B 10 2.63 -0.57 11.33
CA LYS B 10 3.25 -1.15 10.16
C LYS B 10 2.44 -2.32 9.62
N VAL B 11 2.10 -2.24 8.35
CA VAL B 11 1.36 -3.33 7.71
C VAL B 11 2.34 -4.21 6.93
N MET B 12 2.54 -5.42 7.43
CA MET B 12 3.48 -6.36 6.81
C MET B 12 3.06 -6.77 5.41
N ILE B 13 3.99 -6.65 4.46
CA ILE B 13 3.75 -7.04 3.08
C ILE B 13 4.33 -8.44 2.84
N PRO B 14 3.55 -9.36 2.25
CA PRO B 14 4.02 -10.72 1.98
C PRO B 14 5.20 -10.76 1.01
N GLN B 15 6.40 -10.55 1.55
CA GLN B 15 7.60 -10.56 0.73
C GLN B 15 8.17 -11.97 0.58
N ASP B 16 7.71 -12.89 1.43
CA ASP B 16 8.18 -14.27 1.38
C ASP B 16 7.75 -14.95 0.08
N GLU B 17 6.56 -14.57 -0.41
CA GLU B 17 6.04 -15.14 -1.64
C GLU B 17 6.09 -14.12 -2.77
N TYR B 18 5.47 -12.98 -2.57
CA TYR B 18 5.46 -11.91 -3.57
C TYR B 18 6.48 -10.83 -3.20
N PRO B 19 7.04 -10.14 -4.21
CA PRO B 19 8.03 -9.08 -3.96
C PRO B 19 7.43 -7.89 -3.25
N GLU B 20 6.50 -7.22 -3.92
CA GLU B 20 5.82 -6.04 -3.36
C GLU B 20 4.64 -5.65 -4.22
N ILE B 21 4.62 -6.24 -5.43
CA ILE B 21 3.57 -6.02 -6.43
C ILE B 21 2.82 -4.70 -6.22
N ASN B 22 1.52 -4.76 -6.44
CA ASN B 22 0.70 -3.60 -6.28
C ASN B 22 0.42 -3.37 -4.80
N PHE B 23 0.89 -4.26 -3.94
CA PHE B 23 0.68 -4.08 -2.52
C PHE B 23 1.03 -2.66 -2.15
N VAL B 24 2.16 -2.19 -2.68
CA VAL B 24 2.56 -0.81 -2.49
C VAL B 24 1.73 0.07 -3.41
N GLY B 25 1.49 -0.41 -4.63
CA GLY B 25 0.67 0.35 -5.57
C GLY B 25 -0.71 0.67 -5.03
N LEU B 26 -1.55 -0.36 -4.94
CA LEU B 26 -2.92 -0.23 -4.42
C LEU B 26 -2.95 0.57 -3.12
N LEU B 27 -2.03 0.26 -2.20
CA LEU B 27 -1.97 0.97 -0.93
C LEU B 27 -1.72 2.45 -1.16
N ILE B 28 -1.11 2.76 -2.30
CA ILE B 28 -0.80 4.14 -2.66
C ILE B 28 -1.91 4.78 -3.48
N GLY B 29 -2.03 4.35 -4.74
CA GLY B 29 -3.02 4.92 -5.64
C GLY B 29 -2.36 5.88 -6.61
N PRO B 30 -3.06 6.36 -7.66
CA PRO B 30 -2.44 7.30 -8.59
C PRO B 30 -1.91 8.51 -7.84
N ARG B 31 -0.58 8.59 -7.77
CA ARG B 31 0.11 9.62 -7.00
C ARG B 31 0.08 9.21 -5.54
N GLY B 32 -1.09 8.74 -5.13
CA GLY B 32 -1.26 8.30 -3.76
C GLY B 32 -2.70 8.47 -3.30
N ASN B 33 -3.64 8.00 -4.12
CA ASN B 33 -5.06 8.10 -3.80
C ASN B 33 -5.36 7.41 -2.47
N THR B 34 -5.02 6.13 -2.40
CA THR B 34 -5.25 5.35 -1.19
C THR B 34 -4.49 5.92 0.00
N LEU B 35 -3.37 6.60 -0.27
CA LEU B 35 -2.57 7.21 0.79
C LEU B 35 -3.31 8.39 1.39
N LYS B 36 -3.71 9.32 0.53
CA LYS B 36 -4.44 10.51 0.96
C LYS B 36 -5.82 10.15 1.48
N ASN B 37 -6.32 9.01 1.04
CA ASN B 37 -7.64 8.54 1.46
C ASN B 37 -7.64 8.24 2.96
N ILE B 38 -6.76 7.33 3.36
CA ILE B 38 -6.63 6.96 4.76
C ILE B 38 -6.22 8.17 5.59
N GLU B 39 -5.49 9.09 4.96
CA GLU B 39 -5.04 10.30 5.64
C GLU B 39 -6.22 11.24 5.91
N LYS B 40 -7.14 11.31 4.96
CA LYS B 40 -8.31 12.17 5.10
C LYS B 40 -9.40 11.45 5.89
N GLU B 41 -9.18 10.17 6.16
CA GLU B 41 -10.16 9.37 6.90
C GLU B 41 -9.91 9.43 8.40
N CYS B 42 -8.73 8.97 8.83
CA CYS B 42 -8.38 8.96 10.25
C CYS B 42 -7.16 9.83 10.54
N ASN B 43 -6.91 10.81 9.68
CA ASN B 43 -5.77 11.72 9.85
C ASN B 43 -4.48 10.94 10.07
N ALA B 44 -4.18 10.05 9.13
CA ALA B 44 -2.98 9.23 9.23
C ALA B 44 -1.97 9.59 8.14
N LYS B 45 -0.73 9.13 8.32
CA LYS B 45 0.33 9.40 7.34
C LYS B 45 0.87 8.09 6.79
N ILE B 46 0.56 7.84 5.52
CA ILE B 46 1.02 6.60 4.86
C ILE B 46 2.38 6.80 4.21
N MET B 47 3.34 5.97 4.61
CA MET B 47 4.70 6.04 4.07
C MET B 47 5.34 4.66 4.01
N ILE B 48 5.15 3.95 2.90
CA ILE B 48 5.72 2.63 2.73
C ILE B 48 7.25 2.66 2.81
N ARG B 49 7.81 1.66 3.48
CA ARG B 49 9.27 1.57 3.64
C ARG B 49 9.76 0.15 3.36
N GLY B 50 10.73 0.04 2.45
CA GLY B 50 11.28 -1.26 2.12
C GLY B 50 11.70 -1.36 0.66
N LYS B 51 11.95 -2.59 0.21
CA LYS B 51 12.37 -2.83 -1.17
C LYS B 51 11.17 -2.75 -2.11
N GLY B 52 10.63 -1.54 -2.26
CA GLY B 52 9.48 -1.35 -3.13
C GLY B 52 8.45 -0.42 -2.50
N SER B 53 8.77 0.87 -2.46
CA SER B 53 7.87 1.85 -1.86
C SER B 53 7.93 3.19 -2.60
N VAL B 54 9.14 3.61 -2.96
CA VAL B 54 9.32 4.87 -3.66
C VAL B 54 9.94 4.68 -5.04
N LYS B 55 9.30 3.85 -5.87
CA LYS B 55 9.83 3.60 -7.21
C LYS B 55 9.29 4.64 -8.19
N GLU B 56 9.83 4.63 -9.41
CA GLU B 56 9.41 5.58 -10.43
C GLU B 56 9.16 4.86 -11.76
N GLY B 57 9.38 3.55 -11.77
CA GLY B 57 9.16 2.78 -12.97
C GLY B 57 8.85 1.33 -12.67
N LYS B 58 9.68 0.70 -11.84
CA LYS B 58 9.50 -0.71 -11.47
C LYS B 58 9.82 -1.64 -12.63
N VAL B 59 10.23 -1.06 -13.75
CA VAL B 59 10.57 -1.83 -14.94
C VAL B 59 11.99 -1.53 -15.39
N GLY B 60 12.86 -1.40 -14.41
CA GLY B 60 14.26 -1.11 -14.67
C GLY B 60 14.81 -0.05 -13.74
N ARG B 61 13.93 0.79 -13.21
CA ARG B 61 14.33 1.85 -12.29
C ARG B 61 14.95 1.28 -11.03
N LYS B 62 14.54 0.07 -10.66
CA LYS B 62 15.06 -0.60 -9.48
C LYS B 62 16.44 -1.17 -9.74
N ASP B 63 17.44 -0.30 -9.82
CA ASP B 63 18.81 -0.72 -10.09
C ASP B 63 19.80 0.28 -9.48
N GLY B 64 19.42 0.89 -8.38
CA GLY B 64 20.28 1.85 -7.72
C GLY B 64 19.52 3.02 -7.13
N GLN B 65 19.02 2.85 -5.92
CA GLN B 65 18.26 3.90 -5.24
C GLN B 65 19.12 4.61 -4.22
N MET B 66 18.90 5.92 -4.08
CA MET B 66 19.65 6.73 -3.13
C MET B 66 19.42 6.25 -1.71
N LEU B 67 18.19 5.85 -1.42
CA LEU B 67 17.83 5.36 -0.08
C LEU B 67 18.13 3.88 0.06
N PRO B 68 18.47 3.43 1.28
CA PRO B 68 18.80 2.01 1.55
C PRO B 68 17.72 1.07 1.03
N GLY B 69 18.14 -0.05 0.45
CA GLY B 69 17.21 -1.02 -0.08
C GLY B 69 17.21 -2.31 0.71
N GLU B 70 18.38 -2.74 1.16
CA GLU B 70 18.51 -3.97 1.95
C GLU B 70 18.36 -3.68 3.43
N ASP B 71 17.62 -2.64 3.77
CA ASP B 71 17.41 -2.26 5.17
C ASP B 71 16.01 -2.64 5.62
N GLU B 72 15.00 -2.12 4.93
CA GLU B 72 13.60 -2.41 5.26
C GLU B 72 13.03 -3.48 4.33
N PRO B 73 12.32 -4.48 4.88
CA PRO B 73 11.72 -5.55 4.10
C PRO B 73 10.63 -5.04 3.14
N LEU B 74 9.47 -4.72 3.71
CA LEU B 74 8.34 -4.20 2.95
C LEU B 74 7.16 -4.02 3.88
N HIS B 75 7.11 -2.85 4.49
CA HIS B 75 6.05 -2.52 5.44
C HIS B 75 5.63 -1.08 5.26
N ALA B 76 4.32 -0.82 5.33
CA ALA B 76 3.83 0.54 5.17
C ALA B 76 3.78 1.24 6.53
N LEU B 77 4.53 2.35 6.63
CA LEU B 77 4.59 3.13 7.85
C LEU B 77 3.38 4.04 7.99
N VAL B 78 2.31 3.53 8.57
CA VAL B 78 1.09 4.32 8.75
C VAL B 78 1.06 4.94 10.14
N THR B 79 1.27 6.25 10.20
CA THR B 79 1.28 6.97 11.46
C THR B 79 -0.07 7.64 11.73
N ALA B 80 -0.19 8.25 12.91
CA ALA B 80 -1.42 8.92 13.31
C ALA B 80 -1.24 9.62 14.66
N ASN B 81 -2.36 9.94 15.30
CA ASN B 81 -2.32 10.60 16.60
C ASN B 81 -2.79 9.66 17.71
N THR B 82 -3.66 8.73 17.34
CA THR B 82 -4.20 7.77 18.31
C THR B 82 -4.21 6.36 17.72
N MET B 83 -3.94 5.38 18.57
CA MET B 83 -3.90 3.98 18.14
C MET B 83 -5.26 3.54 17.60
N GLU B 84 -6.32 4.18 18.07
CA GLU B 84 -7.67 3.85 17.63
C GLU B 84 -7.85 4.16 16.14
N ASN B 85 -7.59 5.40 15.76
CA ASN B 85 -7.72 5.82 14.37
C ASN B 85 -6.75 5.05 13.47
N VAL B 86 -5.50 4.92 13.93
CA VAL B 86 -4.49 4.21 13.16
C VAL B 86 -4.86 2.73 13.02
N LYS B 87 -5.61 2.22 13.99
CA LYS B 87 -6.04 0.82 13.97
C LYS B 87 -6.97 0.57 12.79
N LYS B 88 -8.05 1.34 12.73
CA LYS B 88 -9.02 1.20 11.65
C LYS B 88 -8.35 1.48 10.30
N ALA B 89 -7.36 2.39 10.33
CA ALA B 89 -6.62 2.75 9.14
C ALA B 89 -5.93 1.53 8.55
N VAL B 90 -5.29 0.74 9.41
CA VAL B 90 -4.59 -0.46 8.98
C VAL B 90 -5.58 -1.49 8.46
N GLU B 91 -6.78 -1.50 9.04
CA GLU B 91 -7.83 -2.42 8.64
C GLU B 91 -8.13 -2.29 7.15
N GLN B 92 -8.32 -1.06 6.70
CA GLN B 92 -8.60 -0.79 5.29
C GLN B 92 -7.42 -1.24 4.43
N ILE B 93 -6.22 -0.86 4.85
CA ILE B 93 -5.00 -1.21 4.14
C ILE B 93 -4.94 -2.71 3.91
N ARG B 94 -5.42 -3.47 4.89
CA ARG B 94 -5.44 -4.92 4.77
C ARG B 94 -6.39 -5.34 3.67
N ASN B 95 -7.57 -4.72 3.64
CA ASN B 95 -8.54 -5.03 2.60
C ASN B 95 -7.92 -4.85 1.23
N ILE B 96 -6.86 -4.05 1.18
CA ILE B 96 -6.16 -3.80 -0.07
C ILE B 96 -5.06 -4.83 -0.34
N LEU B 97 -4.19 -5.05 0.64
CA LEU B 97 -3.09 -6.01 0.50
C LEU B 97 -3.53 -7.44 0.72
N LYS B 98 -4.04 -7.74 1.92
CA LYS B 98 -4.49 -9.08 2.27
C LYS B 98 -5.04 -9.80 1.04
N GLN B 99 -5.81 -9.06 0.25
CA GLN B 99 -6.36 -9.60 -0.98
C GLN B 99 -5.39 -9.36 -2.13
N GLY B 100 -4.96 -8.10 -2.28
CA GLY B 100 -4.01 -7.75 -3.31
C GLY B 100 -4.36 -8.35 -4.66
N ILE B 101 -3.39 -9.04 -5.26
CA ILE B 101 -3.59 -9.67 -6.55
C ILE B 101 -3.91 -11.15 -6.40
N GLU B 102 -3.98 -11.60 -5.16
CA GLU B 102 -4.30 -12.99 -4.85
C GLU B 102 -5.37 -13.01 -3.77
N THR B 103 -6.40 -12.18 -3.98
CA THR B 103 -7.51 -12.07 -3.02
C THR B 103 -8.01 -13.44 -2.57
N PRO B 104 -8.65 -13.50 -1.39
CA PRO B 104 -9.17 -14.75 -0.82
C PRO B 104 -9.76 -15.69 -1.86
N GLU B 105 -9.69 -16.98 -1.58
CA GLU B 105 -10.22 -18.01 -2.48
C GLU B 105 -11.70 -17.80 -2.74
N ASP B 106 -12.39 -17.16 -1.79
CA ASP B 106 -13.82 -16.90 -1.92
C ASP B 106 -14.10 -16.10 -3.18
N GLN B 107 -13.11 -15.31 -3.59
CA GLN B 107 -13.22 -14.48 -4.79
C GLN B 107 -12.02 -14.70 -5.70
N ASN B 108 -10.92 -14.02 -5.37
CA ASN B 108 -9.68 -14.11 -6.15
C ASN B 108 -9.81 -13.43 -7.51
N ASP B 109 -11.02 -13.39 -8.05
CA ASP B 109 -11.25 -12.73 -9.32
C ASP B 109 -11.02 -11.23 -9.18
N LEU B 110 -11.04 -10.77 -7.93
CA LEU B 110 -10.81 -9.37 -7.62
C LEU B 110 -9.31 -9.10 -7.57
N ARG B 111 -8.53 -10.07 -8.03
CA ARG B 111 -7.07 -9.97 -8.05
C ARG B 111 -6.64 -8.67 -8.71
N LYS B 112 -7.10 -8.47 -9.93
CA LYS B 112 -6.76 -7.28 -10.69
C LYS B 112 -7.75 -6.14 -10.40
N MET B 113 -8.67 -6.39 -9.46
CA MET B 113 -9.68 -5.40 -9.10
C MET B 113 -9.05 -4.24 -8.32
N GLN B 114 -8.02 -4.52 -7.54
CA GLN B 114 -7.36 -3.47 -6.76
C GLN B 114 -6.71 -2.44 -7.69
N LEU B 115 -6.62 -2.81 -8.97
CA LEU B 115 -6.04 -1.94 -9.98
C LEU B 115 -7.13 -1.08 -10.62
N ARG B 116 -8.36 -1.29 -10.18
CA ARG B 116 -9.50 -0.54 -10.68
C ARG B 116 -9.64 0.79 -9.93
N GLU B 117 -9.31 0.76 -8.64
CA GLU B 117 -9.38 1.97 -7.82
C GLU B 117 -8.59 3.09 -8.48
N LEU B 118 -7.45 2.71 -9.04
CA LEU B 118 -6.58 3.64 -9.72
C LEU B 118 -7.01 3.83 -11.18
N ALA B 119 -7.31 2.72 -11.84
CA ALA B 119 -7.72 2.74 -13.25
C ALA B 119 -8.94 3.63 -13.46
N ARG B 120 -10.08 3.22 -12.92
CA ARG B 120 -11.32 3.98 -13.05
C ARG B 120 -11.13 5.43 -12.61
N LEU B 121 -10.15 5.67 -11.76
CA LEU B 121 -9.87 7.01 -11.26
C LEU B 121 -9.22 7.88 -12.33
N ASN B 122 -8.32 7.29 -13.12
CA ASN B 122 -7.63 8.02 -14.17
C ASN B 122 -8.13 7.60 -15.55
N GLY B 123 -9.24 6.87 -15.58
CA GLY B 123 -9.80 6.42 -16.85
C GLY B 123 -9.11 5.18 -17.38
N THR B 124 -8.15 4.66 -16.60
CA THR B 124 -7.41 3.48 -16.99
C THR B 124 -8.22 2.20 -16.75
N LEU B 125 -9.54 2.34 -16.62
CA LEU B 125 -10.39 1.19 -16.39
C LEU B 125 -10.75 0.53 -17.71
N ARG B 126 -10.84 -0.79 -17.68
CA ARG B 126 -11.18 -1.60 -18.85
C ARG B 126 -12.21 -0.86 -19.71
N THR B 5 2.01 13.83 20.56
CA THR B 5 1.86 12.38 20.47
C THR B 5 1.77 11.92 19.02
N ARG B 6 2.42 10.80 18.72
CA ARG B 6 2.42 10.25 17.37
C ARG B 6 2.44 8.73 17.40
N VAL B 7 1.32 8.12 17.04
CA VAL B 7 1.20 6.66 17.02
C VAL B 7 1.61 6.10 15.66
N SER B 8 2.11 4.87 15.64
CA SER B 8 2.53 4.24 14.40
C SER B 8 2.09 2.79 14.32
N ASP B 9 2.04 2.26 13.09
CA ASP B 9 1.64 0.88 12.85
C ASP B 9 1.87 0.51 11.39
N LYS B 10 2.77 -0.44 11.17
CA LYS B 10 3.07 -0.88 9.80
C LYS B 10 2.31 -2.15 9.44
N VAL B 11 2.10 -2.34 8.15
CA VAL B 11 1.41 -3.53 7.65
C VAL B 11 2.40 -4.44 6.92
N MET B 12 2.51 -5.67 7.40
CA MET B 12 3.44 -6.64 6.81
C MET B 12 2.88 -7.23 5.52
N ILE B 13 3.76 -7.44 4.54
CA ILE B 13 3.39 -8.01 3.26
C ILE B 13 4.03 -9.39 3.07
N PRO B 14 3.26 -10.39 2.58
CA PRO B 14 3.76 -11.75 2.38
C PRO B 14 4.72 -11.85 1.19
N GLN B 15 5.98 -11.52 1.42
CA GLN B 15 6.98 -11.58 0.37
C GLN B 15 7.35 -13.03 0.06
N ASP B 16 6.91 -13.94 0.92
CA ASP B 16 7.17 -15.36 0.72
C ASP B 16 6.52 -15.86 -0.57
N GLU B 17 5.41 -15.23 -0.92
CA GLU B 17 4.67 -15.59 -2.13
C GLU B 17 4.89 -14.55 -3.23
N TYR B 18 4.62 -13.29 -2.87
CA TYR B 18 4.79 -12.19 -3.81
C TYR B 18 5.57 -11.04 -3.17
N PRO B 19 6.53 -10.45 -3.90
CA PRO B 19 7.36 -9.35 -3.38
C PRO B 19 6.53 -8.19 -2.82
N GLU B 20 6.18 -7.24 -3.67
CA GLU B 20 5.40 -6.08 -3.23
C GLU B 20 4.34 -5.70 -4.25
N ILE B 21 4.42 -6.33 -5.43
CA ILE B 21 3.49 -6.08 -6.54
C ILE B 21 2.79 -4.72 -6.42
N ASN B 22 1.50 -4.71 -6.69
CA ASN B 22 0.76 -3.49 -6.57
C ASN B 22 0.41 -3.26 -5.12
N PHE B 23 0.84 -4.14 -4.23
CA PHE B 23 0.56 -3.95 -2.82
C PHE B 23 0.95 -2.53 -2.47
N VAL B 24 2.07 -2.10 -3.01
CA VAL B 24 2.51 -0.74 -2.85
C VAL B 24 1.68 0.15 -3.77
N GLY B 25 1.47 -0.33 -5.00
CA GLY B 25 0.65 0.42 -5.95
C GLY B 25 -0.74 0.73 -5.43
N LEU B 26 -1.59 -0.29 -5.39
CA LEU B 26 -2.97 -0.19 -4.89
C LEU B 26 -3.04 0.59 -3.59
N LEU B 27 -2.13 0.27 -2.65
CA LEU B 27 -2.12 0.94 -1.36
C LEU B 27 -1.83 2.43 -1.54
N ILE B 28 -1.22 2.77 -2.65
CA ILE B 28 -0.88 4.16 -2.94
C ILE B 28 -1.96 4.85 -3.77
N GLY B 29 -2.11 4.41 -5.01
CA GLY B 29 -3.07 5.03 -5.91
C GLY B 29 -2.38 6.01 -6.83
N PRO B 30 -3.05 6.61 -7.82
CA PRO B 30 -2.40 7.56 -8.70
C PRO B 30 -1.83 8.71 -7.89
N ARG B 31 -0.51 8.72 -7.79
CA ARG B 31 0.22 9.70 -6.97
C ARG B 31 0.15 9.26 -5.53
N GLY B 32 -1.05 8.86 -5.12
CA GLY B 32 -1.27 8.41 -3.77
C GLY B 32 -2.70 8.61 -3.32
N ASN B 33 -3.64 8.12 -4.12
CA ASN B 33 -5.06 8.23 -3.80
C ASN B 33 -5.39 7.45 -2.53
N THR B 34 -5.01 6.19 -2.51
CA THR B 34 -5.27 5.34 -1.36
C THR B 34 -4.57 5.86 -0.11
N LEU B 35 -3.35 6.37 -0.28
CA LEU B 35 -2.58 6.91 0.84
C LEU B 35 -3.27 8.15 1.43
N LYS B 36 -3.45 9.16 0.59
CA LYS B 36 -4.09 10.40 1.01
C LYS B 36 -5.50 10.15 1.52
N ASN B 37 -6.19 9.18 0.92
CA ASN B 37 -7.55 8.84 1.33
C ASN B 37 -7.60 8.48 2.81
N ILE B 38 -6.76 7.54 3.21
CA ILE B 38 -6.70 7.11 4.60
C ILE B 38 -6.32 8.29 5.50
N GLU B 39 -5.53 9.20 4.94
CA GLU B 39 -5.09 10.39 5.66
C GLU B 39 -6.27 11.32 5.94
N LYS B 40 -7.19 11.39 4.98
CA LYS B 40 -8.36 12.24 5.13
C LYS B 40 -9.46 11.51 5.90
N GLU B 41 -9.29 10.21 6.09
CA GLU B 41 -10.26 9.40 6.82
C GLU B 41 -10.02 9.46 8.32
N CYS B 42 -9.05 8.67 8.79
CA CYS B 42 -8.73 8.63 10.22
C CYS B 42 -7.45 9.39 10.52
N ASN B 43 -7.11 10.35 9.67
CA ASN B 43 -5.90 11.15 9.85
C ASN B 43 -4.67 10.27 10.00
N ALA B 44 -4.51 9.33 9.08
CA ALA B 44 -3.37 8.42 9.10
C ALA B 44 -2.37 8.75 8.00
N LYS B 45 -1.09 8.79 8.35
CA LYS B 45 -0.03 9.08 7.40
C LYS B 45 0.54 7.80 6.82
N ILE B 46 0.28 7.57 5.53
CA ILE B 46 0.77 6.37 4.86
C ILE B 46 2.16 6.59 4.28
N MET B 47 3.09 5.72 4.64
CA MET B 47 4.46 5.80 4.14
C MET B 47 5.08 4.42 4.03
N ILE B 48 4.90 3.80 2.87
CA ILE B 48 5.43 2.47 2.61
C ILE B 48 6.95 2.47 2.73
N ARG B 49 7.49 1.35 3.22
CA ARG B 49 8.93 1.21 3.39
C ARG B 49 9.38 -0.22 3.12
N GLY B 50 10.45 -0.38 2.34
CA GLY B 50 10.95 -1.70 2.02
C GLY B 50 11.48 -1.80 0.61
N LYS B 51 11.45 -2.99 0.03
CA LYS B 51 11.94 -3.21 -1.33
C LYS B 51 10.94 -2.66 -2.35
N GLY B 52 9.76 -2.29 -1.86
CA GLY B 52 8.74 -1.75 -2.74
C GLY B 52 7.92 -0.67 -2.07
N SER B 53 8.42 0.57 -2.15
CA SER B 53 7.73 1.70 -1.55
C SER B 53 7.84 2.96 -2.41
N VAL B 54 9.05 3.50 -2.51
CA VAL B 54 9.29 4.70 -3.30
C VAL B 54 10.01 4.37 -4.59
N LYS B 55 9.60 3.26 -5.22
CA LYS B 55 10.19 2.82 -6.48
C LYS B 55 11.70 2.65 -6.35
N GLU B 56 12.12 1.45 -5.99
CA GLU B 56 13.55 1.15 -5.83
C GLU B 56 14.05 0.26 -6.97
N GLY B 57 13.12 -0.46 -7.59
CA GLY B 57 13.49 -1.35 -8.68
C GLY B 57 12.36 -2.28 -9.06
N LYS B 58 11.55 -1.88 -10.04
CA LYS B 58 10.44 -2.70 -10.49
C LYS B 58 10.71 -3.29 -11.87
N VAL B 59 10.41 -2.51 -12.92
CA VAL B 59 10.62 -2.95 -14.29
C VAL B 59 11.59 -2.00 -15.02
N GLY B 60 12.72 -1.74 -14.37
CA GLY B 60 13.72 -0.87 -14.96
C GLY B 60 13.18 0.53 -15.22
N ARG B 61 12.68 1.17 -14.17
CA ARG B 61 12.13 2.52 -14.28
C ARG B 61 13.15 3.55 -13.83
N LYS B 62 13.68 3.36 -12.62
CA LYS B 62 14.67 4.28 -12.06
C LYS B 62 15.99 3.56 -11.80
N ASP B 63 17.04 4.34 -11.57
CA ASP B 63 18.36 3.77 -11.31
C ASP B 63 19.17 4.68 -10.38
N GLY B 64 19.68 4.11 -9.30
CA GLY B 64 20.46 4.88 -8.36
C GLY B 64 19.95 4.75 -6.93
N GLN B 65 20.61 3.91 -6.15
CA GLN B 65 20.22 3.70 -4.77
C GLN B 65 20.74 4.83 -3.88
N MET B 66 19.82 5.48 -3.18
CA MET B 66 20.19 6.60 -2.30
C MET B 66 19.69 6.35 -0.88
N LEU B 67 18.45 5.87 -0.76
CA LEU B 67 17.87 5.60 0.54
C LEU B 67 18.09 4.15 0.96
N PRO B 68 18.43 3.91 2.24
CA PRO B 68 18.67 2.56 2.76
C PRO B 68 17.53 1.60 2.45
N GLY B 69 17.86 0.33 2.28
CA GLY B 69 16.85 -0.67 1.98
C GLY B 69 17.38 -2.09 2.14
N GLU B 70 17.81 -2.42 3.35
CA GLU B 70 18.34 -3.75 3.64
C GLU B 70 17.69 -4.34 4.89
N ASP B 71 17.20 -3.46 5.75
CA ASP B 71 16.55 -3.88 6.99
C ASP B 71 15.04 -3.70 6.91
N GLU B 72 14.53 -3.52 5.69
CA GLU B 72 13.09 -3.33 5.49
C GLU B 72 12.56 -4.29 4.42
N PRO B 73 11.77 -5.30 4.83
CA PRO B 73 11.20 -6.29 3.89
C PRO B 73 10.13 -5.68 2.99
N LEU B 74 8.95 -5.42 3.54
CA LEU B 74 7.84 -4.83 2.79
C LEU B 74 6.70 -4.51 3.73
N HIS B 75 6.77 -3.34 4.34
CA HIS B 75 5.75 -2.92 5.28
C HIS B 75 5.44 -1.43 5.14
N ALA B 76 4.16 -1.11 5.15
CA ALA B 76 3.73 0.28 5.02
C ALA B 76 3.61 0.93 6.39
N LEU B 77 4.54 1.83 6.70
CA LEU B 77 4.54 2.52 7.98
C LEU B 77 3.50 3.63 8.02
N VAL B 78 2.47 3.43 8.84
CA VAL B 78 1.40 4.42 8.98
C VAL B 78 1.46 5.09 10.34
N THR B 79 1.46 6.42 10.35
CA THR B 79 1.54 7.17 11.60
C THR B 79 0.34 8.11 11.78
N ALA B 80 -0.38 7.94 12.87
CA ALA B 80 -1.53 8.77 13.17
C ALA B 80 -1.37 9.48 14.51
N ASN B 81 -2.47 9.99 15.05
CA ASN B 81 -2.44 10.68 16.33
C ASN B 81 -2.74 9.73 17.48
N THR B 82 -3.81 8.95 17.34
CA THR B 82 -4.22 7.99 18.36
C THR B 82 -4.21 6.57 17.82
N MET B 83 -4.06 5.60 18.72
CA MET B 83 -4.03 4.20 18.33
C MET B 83 -5.38 3.76 17.75
N GLU B 84 -6.44 4.44 18.15
CA GLU B 84 -7.78 4.11 17.66
C GLU B 84 -7.92 4.42 16.18
N ASN B 85 -7.54 5.63 15.79
CA ASN B 85 -7.63 6.06 14.41
C ASN B 85 -6.67 5.26 13.51
N VAL B 86 -5.45 5.06 13.99
CA VAL B 86 -4.45 4.32 13.23
C VAL B 86 -4.83 2.85 13.10
N LYS B 87 -5.59 2.35 14.07
CA LYS B 87 -6.01 0.95 14.05
C LYS B 87 -7.00 0.70 12.91
N LYS B 88 -8.10 1.45 12.90
CA LYS B 88 -9.11 1.30 11.86
C LYS B 88 -8.50 1.59 10.49
N ALA B 89 -7.61 2.59 10.45
CA ALA B 89 -6.95 2.98 9.22
C ALA B 89 -6.11 1.82 8.68
N VAL B 90 -5.31 1.21 9.56
CA VAL B 90 -4.46 0.09 9.16
C VAL B 90 -5.32 -1.08 8.69
N GLU B 91 -6.50 -1.24 9.28
CA GLU B 91 -7.41 -2.31 8.92
C GLU B 91 -7.71 -2.27 7.43
N GLN B 92 -8.24 -1.14 6.97
CA GLN B 92 -8.55 -0.97 5.55
C GLN B 92 -7.33 -1.30 4.71
N ILE B 93 -6.17 -0.79 5.15
CA ILE B 93 -4.92 -1.05 4.45
C ILE B 93 -4.68 -2.55 4.32
N ARG B 94 -5.01 -3.30 5.38
CA ARG B 94 -4.84 -4.75 5.36
C ARG B 94 -5.63 -5.32 4.20
N ASN B 95 -6.78 -4.71 3.91
CA ASN B 95 -7.61 -5.15 2.81
C ASN B 95 -6.86 -5.01 1.48
N ILE B 96 -6.15 -3.90 1.31
CA ILE B 96 -5.39 -3.66 0.08
C ILE B 96 -4.35 -4.77 -0.16
N LEU B 97 -3.65 -5.16 0.91
CA LEU B 97 -2.61 -6.21 0.80
C LEU B 97 -3.22 -7.61 0.82
N LYS B 98 -3.85 -7.95 1.94
CA LYS B 98 -4.47 -9.26 2.13
C LYS B 98 -5.04 -9.82 0.84
N GLN B 99 -5.85 -9.00 0.16
CA GLN B 99 -6.45 -9.42 -1.10
C GLN B 99 -5.49 -9.13 -2.25
N GLY B 100 -5.06 -7.87 -2.36
CA GLY B 100 -4.13 -7.50 -3.42
C GLY B 100 -4.54 -8.07 -4.76
N ILE B 101 -3.66 -8.86 -5.35
CA ILE B 101 -3.94 -9.49 -6.64
C ILE B 101 -4.32 -10.95 -6.47
N GLU B 102 -4.33 -11.40 -5.22
CA GLU B 102 -4.71 -12.76 -4.89
C GLU B 102 -5.81 -12.75 -3.84
N THR B 103 -6.80 -11.88 -4.06
CA THR B 103 -7.92 -11.73 -3.14
C THR B 103 -8.55 -13.07 -2.80
N PRO B 104 -9.24 -13.16 -1.64
CA PRO B 104 -9.89 -14.40 -1.20
C PRO B 104 -10.86 -14.95 -2.25
N GLU B 105 -11.38 -16.15 -1.99
CA GLU B 105 -12.32 -16.79 -2.89
C GLU B 105 -13.64 -16.03 -2.95
N ASP B 106 -13.87 -15.18 -1.96
CA ASP B 106 -15.11 -14.40 -1.90
C ASP B 106 -15.20 -13.42 -3.08
N GLN B 107 -14.05 -12.87 -3.48
CA GLN B 107 -14.01 -11.92 -4.58
C GLN B 107 -12.70 -12.06 -5.35
N ASN B 108 -12.28 -13.29 -5.60
CA ASN B 108 -11.04 -13.56 -6.33
C ASN B 108 -11.03 -12.88 -7.69
N ASP B 109 -12.20 -12.80 -8.33
CA ASP B 109 -12.31 -12.16 -9.63
C ASP B 109 -11.89 -10.71 -9.54
N LEU B 110 -11.93 -10.17 -8.33
CA LEU B 110 -11.53 -8.79 -8.08
C LEU B 110 -10.02 -8.73 -7.85
N ARG B 111 -9.32 -9.76 -8.29
CA ARG B 111 -7.87 -9.83 -8.14
C ARG B 111 -7.22 -8.63 -8.83
N LYS B 112 -7.62 -8.40 -10.07
CA LYS B 112 -7.10 -7.30 -10.86
C LYS B 112 -7.97 -6.05 -10.66
N MET B 113 -8.84 -6.11 -9.67
CA MET B 113 -9.75 -4.99 -9.38
C MET B 113 -9.05 -3.85 -8.66
N GLN B 114 -8.15 -4.16 -7.75
CA GLN B 114 -7.44 -3.13 -7.00
C GLN B 114 -6.83 -2.07 -7.91
N LEU B 115 -6.59 -2.45 -9.17
CA LEU B 115 -6.03 -1.54 -10.16
C LEU B 115 -7.13 -0.67 -10.77
N ARG B 116 -8.32 -0.80 -10.22
CA ARG B 116 -9.49 -0.05 -10.67
C ARG B 116 -9.55 1.30 -9.99
N GLU B 117 -9.33 1.32 -8.68
CA GLU B 117 -9.35 2.55 -7.90
C GLU B 117 -8.56 3.62 -8.62
N LEU B 118 -7.45 3.21 -9.21
CA LEU B 118 -6.58 4.11 -9.95
C LEU B 118 -7.06 4.27 -11.39
N ALA B 119 -7.45 3.16 -12.01
CA ALA B 119 -7.93 3.16 -13.39
C ALA B 119 -9.14 4.07 -13.56
N ARG B 120 -10.26 3.67 -12.99
CA ARG B 120 -11.50 4.45 -13.08
C ARG B 120 -11.30 5.90 -12.61
N LEU B 121 -10.20 6.13 -11.91
CA LEU B 121 -9.89 7.47 -11.39
C LEU B 121 -9.38 8.39 -12.50
N ASN B 122 -8.38 7.94 -13.23
CA ASN B 122 -7.79 8.73 -14.32
C ASN B 122 -8.22 8.18 -15.68
N GLY B 123 -9.47 7.75 -15.79
CA GLY B 123 -9.96 7.21 -17.05
C GLY B 123 -9.10 6.07 -17.57
N THR B 124 -9.06 4.98 -16.81
CA THR B 124 -8.27 3.81 -17.18
C THR B 124 -8.99 2.53 -16.83
N LEU B 125 -10.28 2.65 -16.52
CA LEU B 125 -11.09 1.48 -16.16
C LEU B 125 -11.65 0.81 -17.40
N ARG B 126 -11.50 -0.51 -17.44
CA ARG B 126 -11.99 -1.31 -18.55
C ARG B 126 -13.51 -1.21 -18.63
#